data_5DQJ
#
_entry.id   5DQJ
#
_cell.length_a   53.607
_cell.length_b   139.872
_cell.length_c   72.076
_cell.angle_alpha   90.000
_cell.angle_beta   110.660
_cell.angle_gamma   90.000
#
_symmetry.space_group_name_H-M   'P 1 21 1'
#
loop_
_entity.id
_entity.type
_entity.pdbx_description
1 polymer 'S55-5 Fab (IgG1 kappa) light chain'
2 polymer 'S55-5 Fab (IgG1) heavy chain'
3 water water
#
loop_
_entity_poly.entity_id
_entity_poly.type
_entity_poly.pdbx_seq_one_letter_code
_entity_poly.pdbx_strand_id
1 'polypeptide(L)'
;DIVLTQSPASLAVSLGQRATISCRASESVDNYGNSFMHWYQQKPGQPPKLLIYRASNLESGIPVRFSGSGSRTDFTLTIN
PVEADDVATYYCQQSNEDPRTFGGGTKLEIKRADAAPTVSIFPPSSEQLTSGGASVVCFLNNFYPKDINVKWKIDGSERQ
NGVLNSWTDQDSKDSTYSMSSTLTLTKDEYERHNSYTCEATHKTSTSPIVKSFNRNEC
;
L,B
2 'polypeptide(L)'
;EVKLVESGGDLVKPGGSLKLSCAASGFSFSSHGMSWVRQTPDKRLEWVALISRGGSYTYYSDSVKGRFTISRDNAKNTLY
LQMSGLRSEDTAIYYCTRHKGLRRGTNAMDYWGQGTSVTVSAAKTTPPSVYPLAPGSAAQTNSMVTLGCLVKGYFPEPVT
VTWNSGSLSSGVHTFPAVLQSDLYTLSSSVTVPSSTWPSETVTCNVAHPASSTKVDKKIVPR
;
H,A
#
# COMPACT_ATOMS: atom_id res chain seq x y z
N ASP A 1 -0.49 33.03 -15.12
CA ASP A 1 -1.59 32.10 -14.75
C ASP A 1 -1.84 32.20 -13.25
N ILE A 2 -3.06 32.53 -12.86
CA ILE A 2 -3.33 32.84 -11.47
C ILE A 2 -3.39 31.56 -10.63
N VAL A 3 -2.83 31.63 -9.43
CA VAL A 3 -2.72 30.49 -8.56
C VAL A 3 -3.57 30.74 -7.35
N LEU A 4 -4.37 29.75 -6.99
CA LEU A 4 -5.28 29.88 -5.85
C LEU A 4 -4.88 28.90 -4.77
N THR A 5 -4.67 29.42 -3.57
CA THR A 5 -4.29 28.60 -2.44
C THR A 5 -5.38 28.70 -1.43
N GLN A 6 -5.87 27.56 -0.98
CA GLN A 6 -7.00 27.45 -0.08
C GLN A 6 -6.53 27.04 1.28
N SER A 7 -7.20 27.53 2.32
CA SER A 7 -6.92 27.15 3.70
C SER A 7 -8.19 26.99 4.51
N PRO A 8 -8.21 26.07 5.47
CA PRO A 8 -7.18 25.00 5.59
C PRO A 8 -7.38 23.92 4.51
N ALA A 9 -6.56 22.88 4.55
CA ALA A 9 -6.68 21.76 3.61
C ALA A 9 -7.82 20.83 4.02
N SER A 10 -8.00 20.67 5.32
CA SER A 10 -9.22 20.07 5.83
C SER A 10 -9.68 20.82 7.07
N LEU A 11 -10.94 20.64 7.43
CA LEU A 11 -11.54 21.32 8.54
C LEU A 11 -12.59 20.39 9.16
N ALA A 12 -12.66 20.30 10.48
CA ALA A 12 -13.68 19.48 11.14
C ALA A 12 -14.55 20.36 12.02
N VAL A 13 -15.87 20.23 11.88
CA VAL A 13 -16.80 21.09 12.60
C VAL A 13 -17.95 20.25 13.11
N SER A 14 -18.56 20.64 14.23
CA SER A 14 -19.72 19.92 14.77
C SER A 14 -20.94 20.42 14.07
N LEU A 15 -21.99 19.60 14.08
CA LEU A 15 -23.27 19.99 13.50
C LEU A 15 -23.78 21.24 14.20
N GLY A 16 -24.39 22.15 13.45
CA GLY A 16 -24.95 23.36 14.03
C GLY A 16 -23.99 24.52 14.20
N GLN A 17 -22.69 24.28 14.05
CA GLN A 17 -21.66 25.28 14.27
C GLN A 17 -21.24 25.96 12.97
N ARG A 18 -20.26 26.86 13.05
CA ARG A 18 -19.85 27.70 11.90
C ARG A 18 -18.55 27.18 11.29
N ALA A 19 -18.44 27.28 9.96
CA ALA A 19 -17.21 26.89 9.26
C ALA A 19 -16.88 27.94 8.23
N THR A 20 -15.61 28.30 8.17
CA THR A 20 -15.15 29.32 7.25
C THR A 20 -13.89 28.78 6.60
N ILE A 21 -13.75 29.03 5.30
CA ILE A 21 -12.59 28.58 4.58
C ILE A 21 -12.16 29.69 3.65
N SER A 22 -10.85 29.79 3.49
CA SER A 22 -10.24 30.89 2.76
C SER A 22 -9.66 30.45 1.44
N CYS A 23 -9.52 31.43 0.56
CA CYS A 23 -8.89 31.29 -0.73
C CYS A 23 -8.02 32.54 -0.92
N ARG A 24 -6.74 32.34 -1.19
CA ARG A 24 -5.85 33.45 -1.55
C ARG A 24 -5.50 33.35 -3.04
N ALA A 25 -5.68 34.45 -3.78
CA ALA A 25 -5.22 34.52 -5.16
C ALA A 25 -3.80 35.11 -5.26
N SER A 26 -3.03 34.64 -6.23
CA SER A 26 -1.66 35.13 -6.49
C SER A 26 -1.65 36.55 -7.11
N GLU A 27 -2.69 36.91 -7.86
CA GLU A 27 -2.91 38.31 -8.21
C GLU A 27 -4.38 38.60 -8.13
N SER A 28 -4.74 39.87 -8.28
CA SER A 28 -6.12 40.31 -8.11
C SER A 28 -7.04 39.66 -9.12
N VAL A 29 -8.29 39.42 -8.70
CA VAL A 29 -9.31 38.92 -9.60
C VAL A 29 -10.46 39.92 -9.78
N ASP A 30 -10.18 41.20 -9.55
CA ASP A 30 -11.21 42.23 -9.61
C ASP A 30 -11.30 42.85 -10.99
N ASN A 31 -12.50 43.33 -11.31
CA ASN A 31 -12.72 44.15 -12.48
C ASN A 31 -14.15 44.65 -12.46
N TYR A 32 -14.30 45.92 -12.86
CA TYR A 32 -15.59 46.60 -12.92
C TYR A 32 -16.28 46.66 -11.55
N GLY A 33 -15.52 46.74 -10.47
CA GLY A 33 -16.08 46.65 -9.12
C GLY A 33 -16.39 45.23 -8.66
N ASN A 34 -16.83 44.36 -9.59
CA ASN A 34 -17.02 42.93 -9.30
C ASN A 34 -15.72 42.15 -9.05
N SER A 35 -15.82 41.10 -8.24
CA SER A 35 -14.74 40.14 -8.03
C SER A 35 -15.10 38.81 -8.72
N PHE A 36 -14.17 38.23 -9.49
CA PHE A 36 -14.49 37.05 -10.32
C PHE A 36 -13.96 35.77 -9.69
N MET A 37 -14.56 35.46 -8.55
CA MET A 37 -14.19 34.36 -7.66
C MET A 37 -15.46 33.61 -7.33
N HIS A 38 -15.43 32.30 -7.60
CA HIS A 38 -16.59 31.47 -7.45
C HIS A 38 -16.25 30.28 -6.58
N TRP A 39 -17.27 29.72 -5.94
CA TRP A 39 -17.08 28.58 -5.02
C TRP A 39 -17.97 27.44 -5.44
N TYR A 40 -17.43 26.23 -5.33
CA TYR A 40 -18.15 25.04 -5.75
C TYR A 40 -18.06 23.94 -4.70
N GLN A 41 -19.11 23.14 -4.64
CA GLN A 41 -19.19 22.03 -3.72
C GLN A 41 -19.19 20.75 -4.55
N GLN A 42 -18.30 19.84 -4.22
CA GLN A 42 -18.31 18.52 -4.80
C GLN A 42 -18.41 17.42 -3.72
N LYS A 43 -19.53 16.71 -3.77
CA LYS A 43 -19.77 15.56 -2.94
C LYS A 43 -19.29 14.34 -3.69
N PRO A 44 -18.89 13.29 -2.97
CA PRO A 44 -18.27 12.15 -3.69
C PRO A 44 -19.24 11.48 -4.66
N GLY A 45 -18.74 11.20 -5.86
CA GLY A 45 -19.52 10.56 -6.92
C GLY A 45 -20.48 11.48 -7.64
N GLN A 46 -20.26 12.79 -7.50
CA GLN A 46 -21.15 13.81 -8.10
C GLN A 46 -20.33 14.88 -8.76
N PRO A 47 -20.95 15.61 -9.68
CA PRO A 47 -20.22 16.74 -10.22
C PRO A 47 -20.25 17.94 -9.27
N PRO A 48 -19.30 18.85 -9.45
CA PRO A 48 -19.32 20.07 -8.70
C PRO A 48 -20.59 20.86 -8.90
N LYS A 49 -21.01 21.53 -7.83
CA LYS A 49 -22.20 22.34 -7.85
C LYS A 49 -21.77 23.73 -7.48
N LEU A 50 -22.21 24.70 -8.27
CA LEU A 50 -21.94 26.10 -8.00
C LEU A 50 -22.70 26.55 -6.77
N LEU A 51 -22.00 27.19 -5.83
CA LEU A 51 -22.62 27.75 -4.61
C LEU A 51 -22.72 29.25 -4.60
N ILE A 52 -21.60 29.90 -4.88
CA ILE A 52 -21.48 31.32 -4.81
C ILE A 52 -20.75 31.75 -6.06
N TYR A 53 -21.28 32.75 -6.73
CA TYR A 53 -20.61 33.34 -7.87
C TYR A 53 -20.31 34.79 -7.59
N ARG A 54 -19.20 35.26 -8.18
CA ARG A 54 -18.74 36.64 -8.06
C ARG A 54 -18.60 37.02 -6.60
N ALA A 55 -17.97 36.14 -5.84
CA ALA A 55 -17.64 36.37 -4.44
C ALA A 55 -18.83 36.47 -3.46
N SER A 56 -19.85 37.26 -3.79
CA SER A 56 -20.94 37.59 -2.84
C SER A 56 -22.21 36.78 -3.11
N ASN A 57 -22.45 36.47 -4.36
CA ASN A 57 -23.80 36.14 -4.79
C ASN A 57 -24.16 34.68 -4.65
N LEU A 58 -25.31 34.46 -4.03
CA LEU A 58 -25.82 33.14 -3.80
C LEU A 58 -26.56 32.65 -5.05
N GLU A 59 -26.15 31.48 -5.54
CA GLU A 59 -26.80 30.84 -6.67
C GLU A 59 -28.20 30.41 -6.24
N SER A 60 -29.15 30.48 -7.17
CA SER A 60 -30.53 30.07 -6.86
C SER A 60 -30.60 28.58 -6.67
N GLY A 61 -31.29 28.16 -5.62
CA GLY A 61 -31.45 26.75 -5.27
C GLY A 61 -30.58 26.32 -4.09
N ILE A 62 -29.80 27.26 -3.55
CA ILE A 62 -28.80 26.96 -2.52
C ILE A 62 -29.22 27.55 -1.17
N PRO A 63 -29.17 26.75 -0.09
CA PRO A 63 -29.60 27.25 1.23
C PRO A 63 -28.81 28.49 1.68
N VAL A 64 -29.51 29.42 2.34
CA VAL A 64 -28.91 30.70 2.80
C VAL A 64 -27.82 30.56 3.88
N ARG A 65 -27.64 29.35 4.40
CA ARG A 65 -26.52 29.12 5.31
C ARG A 65 -25.14 29.23 4.61
N PHE A 66 -25.12 29.33 3.28
CA PHE A 66 -23.90 29.57 2.53
C PHE A 66 -23.79 31.04 2.22
N SER A 67 -22.58 31.57 2.35
CA SER A 67 -22.31 32.97 2.04
C SER A 67 -20.83 33.16 1.74
N GLY A 68 -20.52 34.17 0.94
CA GLY A 68 -19.15 34.47 0.59
C GLY A 68 -18.83 35.93 0.78
N SER A 69 -17.59 36.20 1.18
CA SER A 69 -17.09 37.57 1.23
C SER A 69 -15.65 37.61 0.73
N GLY A 70 -15.24 38.80 0.35
CA GLY A 70 -13.86 39.11 0.07
C GLY A 70 -13.73 40.00 -1.15
N SER A 71 -12.50 40.33 -1.46
CA SER A 71 -12.18 41.22 -2.58
C SER A 71 -10.72 41.07 -2.94
N ARG A 72 -10.39 41.44 -4.18
CA ARG A 72 -9.00 41.53 -4.60
C ARG A 72 -8.31 40.15 -4.65
N THR A 73 -7.53 39.80 -3.63
CA THR A 73 -6.85 38.52 -3.58
C THR A 73 -7.22 37.67 -2.36
N ASP A 74 -8.21 38.10 -1.56
CA ASP A 74 -8.60 37.39 -0.32
C ASP A 74 -10.12 37.17 -0.16
N PHE A 75 -10.53 35.90 -0.13
CA PHE A 75 -11.94 35.52 -0.18
C PHE A 75 -12.24 34.42 0.81
N THR A 76 -13.48 34.40 1.30
CA THR A 76 -13.91 33.38 2.24
C THR A 76 -15.27 32.83 1.86
N LEU A 77 -15.48 31.57 2.21
CA LEU A 77 -16.79 30.95 2.17
C LEU A 77 -17.18 30.66 3.61
N THR A 78 -18.40 31.02 3.97
CA THR A 78 -18.87 30.76 5.30
C THR A 78 -20.02 29.79 5.18
N ILE A 79 -20.05 28.78 6.05
CA ILE A 79 -21.22 27.89 6.22
C ILE A 79 -21.68 27.96 7.68
N ASN A 80 -22.92 28.39 7.87
CA ASN A 80 -23.43 28.63 9.19
C ASN A 80 -24.93 28.67 9.11
N PRO A 81 -25.61 27.72 9.76
CA PRO A 81 -25.01 26.62 10.50
C PRO A 81 -24.72 25.38 9.64
N VAL A 82 -23.64 24.69 9.94
CA VAL A 82 -23.28 23.45 9.23
C VAL A 82 -24.30 22.31 9.43
N GLU A 83 -24.54 21.54 8.38
CA GLU A 83 -25.42 20.37 8.44
C GLU A 83 -24.73 19.12 7.94
N ALA A 84 -25.33 17.97 8.22
CA ALA A 84 -24.75 16.67 7.81
C ALA A 84 -24.51 16.59 6.31
N ASP A 85 -25.42 17.17 5.54
CA ASP A 85 -25.38 17.10 4.09
C ASP A 85 -24.30 17.99 3.44
N ASP A 86 -23.46 18.61 4.26
CA ASP A 86 -22.47 19.56 3.77
C ASP A 86 -21.07 18.96 3.74
N VAL A 87 -20.96 17.69 4.11
CA VAL A 87 -19.73 16.93 3.87
C VAL A 87 -19.39 16.92 2.37
N ALA A 88 -18.21 17.43 2.03
CA ALA A 88 -17.86 17.68 0.65
C ALA A 88 -16.46 18.24 0.57
N THR A 89 -15.96 18.37 -0.65
CA THR A 89 -14.77 19.14 -0.89
C THR A 89 -15.19 20.44 -1.53
N TYR A 90 -14.63 21.55 -1.07
CA TYR A 90 -15.02 22.87 -1.59
C TYR A 90 -13.84 23.45 -2.33
N TYR A 91 -14.12 24.05 -3.48
CA TYR A 91 -13.11 24.60 -4.36
C TYR A 91 -13.47 26.03 -4.65
N CYS A 92 -12.44 26.85 -4.74
CA CYS A 92 -12.60 28.19 -5.25
C CYS A 92 -12.08 28.18 -6.68
N GLN A 93 -12.63 29.09 -7.49
CA GLN A 93 -12.23 29.25 -8.86
C GLN A 93 -12.21 30.73 -9.24
N GLN A 94 -11.24 31.13 -10.06
CA GLN A 94 -11.25 32.49 -10.63
C GLN A 94 -11.48 32.42 -12.12
N SER A 95 -12.26 33.38 -12.64
CA SER A 95 -12.53 33.48 -14.08
C SER A 95 -12.10 34.85 -14.67
N ASN A 96 -11.26 35.57 -13.95
CA ASN A 96 -10.87 36.91 -14.37
C ASN A 96 -9.90 36.87 -15.56
N GLU A 97 -9.00 35.90 -15.56
CA GLU A 97 -7.95 35.80 -16.54
C GLU A 97 -7.90 34.34 -17.04
N ASP A 98 -7.94 34.14 -18.35
CA ASP A 98 -7.82 32.80 -18.89
C ASP A 98 -6.34 32.46 -18.81
N PRO A 99 -5.98 31.25 -18.38
CA PRO A 99 -6.90 30.15 -18.07
C PRO A 99 -7.63 30.28 -16.75
N ARG A 100 -8.86 29.78 -16.71
CA ARG A 100 -9.53 29.61 -15.43
C ARG A 100 -8.82 28.55 -14.63
N THR A 101 -8.75 28.76 -13.32
CA THR A 101 -7.97 27.93 -12.44
C THR A 101 -8.70 27.75 -11.13
N PHE A 102 -8.35 26.66 -10.46
CA PHE A 102 -9.08 26.18 -9.33
C PHE A 102 -8.15 26.06 -8.18
N GLY A 103 -8.63 26.32 -6.98
CA GLY A 103 -7.84 25.99 -5.79
C GLY A 103 -7.76 24.48 -5.66
N GLY A 104 -6.84 24.02 -4.81
CA GLY A 104 -6.64 22.62 -4.54
C GLY A 104 -7.74 21.99 -3.69
N GLY A 105 -8.69 22.80 -3.22
CA GLY A 105 -9.83 22.29 -2.49
C GLY A 105 -9.60 22.14 -1.00
N THR A 106 -10.71 22.17 -0.25
CA THR A 106 -10.73 22.06 1.21
C THR A 106 -11.78 21.02 1.60
N LYS A 107 -11.37 20.04 2.39
CA LYS A 107 -12.25 18.94 2.81
C LYS A 107 -12.97 19.34 4.06
N LEU A 108 -14.29 19.38 4.03
CA LEU A 108 -15.07 19.58 5.24
C LEU A 108 -15.58 18.26 5.83
N GLU A 109 -15.15 18.00 7.06
CA GLU A 109 -15.59 16.83 7.82
C GLU A 109 -16.37 17.25 9.04
N ILE A 110 -17.27 16.38 9.48
CA ILE A 110 -18.11 16.63 10.65
C ILE A 110 -17.58 15.91 11.90
N LYS A 111 -17.62 16.61 13.03
CA LYS A 111 -17.41 15.95 14.30
C LYS A 111 -18.76 15.46 14.84
N ARG A 112 -18.72 14.30 15.48
CA ARG A 112 -19.89 13.75 16.12
C ARG A 112 -19.45 12.81 17.25
N ALA A 113 -20.42 12.16 17.87
CA ALA A 113 -20.14 11.16 18.87
C ALA A 113 -19.41 9.94 18.28
N ASP A 114 -18.57 9.31 19.09
CA ASP A 114 -17.98 8.01 18.75
C ASP A 114 -19.06 6.98 18.45
N ALA A 115 -18.81 6.13 17.46
CA ALA A 115 -19.70 5.00 17.16
C ALA A 115 -18.91 3.77 16.78
N ALA A 116 -19.29 2.65 17.38
CA ALA A 116 -18.61 1.36 17.11
C ALA A 116 -19.08 0.78 15.79
N PRO A 117 -18.21 0.04 15.10
CA PRO A 117 -18.62 -0.56 13.84
C PRO A 117 -19.48 -1.78 14.01
N THR A 118 -20.39 -1.94 13.06
CA THR A 118 -21.05 -3.16 12.82
C THR A 118 -20.14 -3.94 11.88
N VAL A 119 -19.77 -5.16 12.27
CA VAL A 119 -18.85 -5.97 11.50
C VAL A 119 -19.53 -7.21 10.97
N SER A 120 -19.29 -7.53 9.70
CA SER A 120 -19.90 -8.68 9.05
C SER A 120 -18.83 -9.38 8.31
N ILE A 121 -18.85 -10.70 8.30
CA ILE A 121 -17.85 -11.46 7.59
C ILE A 121 -18.55 -12.33 6.58
N PHE A 122 -17.94 -12.52 5.43
CA PHE A 122 -18.56 -13.30 4.38
C PHE A 122 -17.61 -14.33 3.82
N PRO A 123 -18.02 -15.58 3.79
CA PRO A 123 -17.23 -16.64 3.18
C PRO A 123 -17.13 -16.51 1.66
N PRO A 124 -16.34 -17.36 1.00
CA PRO A 124 -16.29 -17.34 -0.45
C PRO A 124 -17.56 -17.83 -1.06
N SER A 125 -17.94 -17.26 -2.20
CA SER A 125 -19.05 -17.79 -2.97
C SER A 125 -18.58 -19.06 -3.70
N SER A 126 -19.50 -20.00 -3.89
CA SER A 126 -19.17 -21.25 -4.56
C SER A 126 -18.84 -21.02 -6.04
N GLU A 127 -19.40 -19.97 -6.64
CA GLU A 127 -19.07 -19.63 -8.03
C GLU A 127 -17.64 -19.13 -8.11
N GLN A 128 -17.15 -18.47 -7.08
CA GLN A 128 -15.75 -18.10 -7.07
C GLN A 128 -14.87 -19.33 -6.88
N LEU A 129 -15.27 -20.22 -5.97
CA LEU A 129 -14.51 -21.43 -5.72
C LEU A 129 -14.29 -22.25 -7.00
N THR A 130 -15.33 -22.39 -7.82
CA THR A 130 -15.20 -23.11 -9.10
C THR A 130 -14.06 -22.58 -10.00
N SER A 131 -13.79 -21.26 -9.95
CA SER A 131 -12.70 -20.65 -10.74
C SER A 131 -11.32 -20.65 -10.07
N GLY A 132 -11.19 -21.29 -8.91
CA GLY A 132 -9.89 -21.44 -8.26
C GLY A 132 -9.50 -20.33 -7.31
N GLY A 133 -10.36 -19.32 -7.14
CA GLY A 133 -10.12 -18.22 -6.21
C GLY A 133 -10.94 -18.37 -4.95
N ALA A 134 -10.52 -17.71 -3.88
CA ALA A 134 -11.31 -17.64 -2.68
C ALA A 134 -11.02 -16.34 -1.94
N SER A 135 -12.03 -15.47 -1.89
CA SER A 135 -11.99 -14.22 -1.16
C SER A 135 -12.87 -14.31 0.06
N VAL A 136 -12.40 -13.77 1.16
CA VAL A 136 -13.19 -13.65 2.34
C VAL A 136 -13.30 -12.15 2.62
N VAL A 137 -14.51 -11.70 2.88
CA VAL A 137 -14.78 -10.27 2.88
C VAL A 137 -15.34 -9.89 4.20
N CYS A 138 -14.88 -8.75 4.71
CA CYS A 138 -15.31 -8.24 5.99
C CYS A 138 -15.71 -6.77 5.83
N PHE A 139 -16.95 -6.44 6.18
CA PHE A 139 -17.42 -5.05 6.18
C PHE A 139 -17.41 -4.55 7.59
N LEU A 140 -16.91 -3.34 7.76
CA LEU A 140 -16.97 -2.67 9.04
C LEU A 140 -17.69 -1.35 8.82
N ASN A 141 -18.97 -1.34 9.13
CA ASN A 141 -19.83 -0.25 8.75
C ASN A 141 -20.23 0.74 9.86
N ASN A 142 -20.31 2.01 9.49
CA ASN A 142 -20.93 3.08 10.30
C ASN A 142 -20.26 3.37 11.65
N PHE A 143 -18.96 3.62 11.59
CA PHE A 143 -18.17 3.93 12.76
C PHE A 143 -17.70 5.38 12.74
N TYR A 144 -17.39 5.88 13.93
CA TYR A 144 -16.73 7.17 14.10
C TYR A 144 -15.86 7.06 15.36
N PRO A 145 -14.63 7.56 15.34
CA PRO A 145 -13.99 8.28 14.23
C PRO A 145 -13.35 7.39 13.14
N LYS A 146 -12.71 8.02 12.14
CA LYS A 146 -12.23 7.34 10.94
C LYS A 146 -11.15 6.27 11.14
N ASP A 147 -10.33 6.43 12.18
CA ASP A 147 -9.11 5.59 12.32
C ASP A 147 -9.54 4.22 12.80
N ILE A 148 -9.00 3.16 12.18
CA ILE A 148 -9.40 1.82 12.52
C ILE A 148 -8.43 0.77 11.97
N ASN A 149 -8.32 -0.36 12.63
CA ASN A 149 -7.33 -1.35 12.26
C ASN A 149 -7.98 -2.69 12.08
N VAL A 150 -7.59 -3.40 11.03
CA VAL A 150 -8.16 -4.69 10.75
C VAL A 150 -7.10 -5.74 10.50
N LYS A 151 -7.29 -6.87 11.14
CA LYS A 151 -6.32 -7.91 11.15
C LYS A 151 -7.00 -9.18 10.74
N TRP A 152 -6.42 -9.89 9.80
CA TRP A 152 -6.92 -11.21 9.46
C TRP A 152 -6.12 -12.33 10.17
N LYS A 153 -6.82 -13.40 10.54
CA LYS A 153 -6.17 -14.57 11.15
C LYS A 153 -6.71 -15.87 10.57
N ILE A 154 -5.82 -16.74 10.13
CA ILE A 154 -6.21 -18.11 9.72
C ILE A 154 -5.76 -19.13 10.77
N ASP A 155 -6.69 -19.96 11.25
CA ASP A 155 -6.40 -20.88 12.36
C ASP A 155 -5.39 -20.23 13.33
N GLY A 156 -5.76 -19.08 13.90
CA GLY A 156 -4.94 -18.36 14.87
C GLY A 156 -3.83 -17.48 14.30
N SER A 157 -3.32 -17.83 13.12
CA SER A 157 -2.15 -17.16 12.54
C SER A 157 -2.50 -15.98 11.64
N GLU A 158 -1.86 -14.86 11.93
CA GLU A 158 -2.09 -13.64 11.18
C GLU A 158 -1.63 -13.75 9.73
N ARG A 159 -2.34 -13.08 8.81
CA ARG A 159 -1.98 -12.98 7.40
C ARG A 159 -1.98 -11.52 6.96
N GLN A 160 -0.95 -11.13 6.21
CA GLN A 160 -0.83 -9.79 5.62
C GLN A 160 -0.84 -9.80 4.09
N ASN A 161 -0.63 -10.97 3.46
CA ASN A 161 -0.58 -11.06 2.00
C ASN A 161 -1.95 -11.36 1.41
N GLY A 162 -2.28 -10.68 0.31
CA GLY A 162 -3.57 -10.87 -0.36
C GLY A 162 -4.73 -10.19 0.36
N VAL A 163 -4.44 -9.11 1.08
CA VAL A 163 -5.45 -8.36 1.79
C VAL A 163 -5.61 -7.04 1.09
N LEU A 164 -6.84 -6.71 0.68
CA LEU A 164 -7.16 -5.45 0.04
C LEU A 164 -8.18 -4.66 0.87
N ASN A 165 -7.88 -3.40 1.21
CA ASN A 165 -8.76 -2.56 2.01
C ASN A 165 -9.25 -1.32 1.28
N SER A 166 -10.43 -0.82 1.63
CA SER A 166 -10.99 0.37 1.02
C SER A 166 -11.93 1.08 1.99
N TRP A 167 -11.95 2.41 1.95
CA TRP A 167 -12.71 3.22 2.92
C TRP A 167 -13.63 4.17 2.18
N THR A 168 -14.87 4.29 2.65
CA THR A 168 -15.80 5.28 2.13
C THR A 168 -15.43 6.65 2.61
N ASP A 169 -16.00 7.65 1.96
CA ASP A 169 -15.95 9.01 2.46
C ASP A 169 -16.97 9.07 3.57
N GLN A 170 -16.94 10.15 4.35
CA GLN A 170 -17.90 10.34 5.42
C GLN A 170 -19.31 10.40 4.87
N ASP A 171 -20.23 9.73 5.53
CA ASP A 171 -21.64 9.68 5.12
C ASP A 171 -22.34 11.03 5.32
N SER A 172 -23.30 11.34 4.48
CA SER A 172 -23.99 12.63 4.54
C SER A 172 -25.29 12.58 5.33
N LYS A 173 -25.70 11.41 5.82
CA LYS A 173 -26.87 11.29 6.70
C LYS A 173 -26.44 11.21 8.16
N ASP A 174 -25.65 10.20 8.50
CA ASP A 174 -25.26 9.96 9.90
C ASP A 174 -23.81 10.34 10.22
N SER A 175 -23.09 10.85 9.23
CA SER A 175 -21.72 11.31 9.41
C SER A 175 -20.71 10.26 9.83
N THR A 176 -21.00 8.98 9.54
CA THR A 176 -20.09 7.90 9.90
C THR A 176 -19.23 7.51 8.70
N TYR A 177 -18.28 6.63 8.98
CA TYR A 177 -17.39 6.05 8.00
C TYR A 177 -17.67 4.56 7.85
N SER A 178 -17.21 3.99 6.75
CA SER A 178 -17.26 2.55 6.55
C SER A 178 -16.01 2.02 5.90
N MET A 179 -15.76 0.73 6.10
CA MET A 179 -14.64 0.07 5.51
C MET A 179 -14.94 -1.32 5.06
N SER A 180 -14.29 -1.76 3.98
CA SER A 180 -14.30 -3.18 3.62
C SER A 180 -12.87 -3.67 3.58
N SER A 181 -12.70 -4.95 3.93
CA SER A 181 -11.42 -5.60 3.83
C SER A 181 -11.62 -6.94 3.20
N THR A 182 -10.87 -7.22 2.15
CA THR A 182 -10.91 -8.52 1.47
C THR A 182 -9.60 -9.31 1.62
N LEU A 183 -9.71 -10.61 1.88
CA LEU A 183 -8.57 -11.52 1.88
C LEU A 183 -8.70 -12.52 0.75
N THR A 184 -7.78 -12.53 -0.21
CA THR A 184 -7.83 -13.47 -1.34
C THR A 184 -6.69 -14.52 -1.29
N LEU A 185 -7.07 -15.79 -1.46
CA LEU A 185 -6.18 -16.94 -1.49
C LEU A 185 -6.60 -17.88 -2.61
N THR A 186 -5.90 -19.00 -2.74
CA THR A 186 -6.30 -20.04 -3.69
C THR A 186 -7.37 -20.88 -3.04
N LYS A 187 -8.25 -21.50 -3.85
CA LYS A 187 -9.15 -22.55 -3.37
C LYS A 187 -8.37 -23.60 -2.62
N ASP A 188 -7.31 -24.06 -3.25
CA ASP A 188 -6.38 -24.99 -2.64
C ASP A 188 -5.99 -24.61 -1.21
N GLU A 189 -5.42 -23.43 -0.99
CA GLU A 189 -5.05 -23.03 0.37
C GLU A 189 -6.26 -22.80 1.25
N TYR A 190 -7.31 -22.21 0.68
CA TYR A 190 -8.53 -21.99 1.45
C TYR A 190 -9.02 -23.31 2.07
N GLU A 191 -8.93 -24.42 1.33
CA GLU A 191 -9.47 -25.70 1.78
C GLU A 191 -8.63 -26.40 2.86
N ARG A 192 -7.37 -26.03 2.97
CA ARG A 192 -6.47 -26.61 3.98
C ARG A 192 -6.73 -26.13 5.42
N HIS A 193 -7.32 -24.94 5.59
CA HIS A 193 -7.60 -24.37 6.94
C HIS A 193 -9.09 -24.36 7.23
N ASN A 194 -9.45 -24.12 8.49
CA ASN A 194 -10.85 -24.12 8.94
C ASN A 194 -11.36 -22.72 9.38
N SER A 195 -10.56 -22.03 10.18
CA SER A 195 -10.99 -20.83 10.86
C SER A 195 -10.45 -19.55 10.21
N TYR A 196 -11.36 -18.72 9.72
CA TYR A 196 -11.01 -17.42 9.12
C TYR A 196 -11.66 -16.31 9.92
N THR A 197 -10.87 -15.33 10.36
CA THR A 197 -11.39 -14.31 11.31
C THR A 197 -10.87 -12.91 10.96
N CYS A 198 -11.73 -11.90 11.02
CA CYS A 198 -11.29 -10.50 10.91
C CYS A 198 -11.45 -9.92 12.29
N GLU A 199 -10.43 -9.19 12.71
CA GLU A 199 -10.37 -8.55 13.98
C GLU A 199 -10.22 -7.04 13.81
N ALA A 200 -11.24 -6.30 14.22
CA ALA A 200 -11.23 -4.86 14.14
C ALA A 200 -10.86 -4.26 15.47
N THR A 201 -9.96 -3.30 15.43
CA THR A 201 -9.64 -2.57 16.63
C THR A 201 -9.91 -1.10 16.35
N HIS A 202 -10.61 -0.47 17.30
CA HIS A 202 -11.12 0.85 17.13
C HIS A 202 -11.23 1.58 18.48
N LYS A 203 -10.96 2.88 18.46
CA LYS A 203 -11.02 3.76 19.64
C LYS A 203 -12.20 3.45 20.56
N THR A 204 -13.35 3.20 19.95
CA THR A 204 -14.59 2.94 20.65
C THR A 204 -14.50 1.86 21.76
N SER A 205 -13.58 0.92 21.60
CA SER A 205 -13.53 -0.24 22.48
C SER A 205 -12.08 -0.62 22.73
N THR A 206 -11.83 -1.05 23.97
CA THR A 206 -10.50 -1.47 24.39
C THR A 206 -10.20 -2.88 23.88
N SER A 207 -11.26 -3.66 23.72
CA SER A 207 -11.17 -4.97 23.12
C SER A 207 -11.38 -4.88 21.60
N PRO A 208 -10.59 -5.67 20.84
CA PRO A 208 -10.92 -5.90 19.43
C PRO A 208 -12.29 -6.55 19.20
N ILE A 209 -12.95 -6.18 18.09
CA ILE A 209 -14.20 -6.83 17.68
C ILE A 209 -13.89 -7.94 16.69
N VAL A 210 -14.31 -9.15 17.01
CA VAL A 210 -13.93 -10.33 16.27
C VAL A 210 -15.16 -10.87 15.58
N LYS A 211 -15.05 -11.12 14.28
CA LYS A 211 -16.03 -11.89 13.58
C LYS A 211 -15.28 -13.02 12.92
N SER A 212 -15.92 -14.17 12.84
CA SER A 212 -15.24 -15.37 12.43
C SER A 212 -16.13 -16.26 11.60
N PHE A 213 -15.53 -16.99 10.69
CA PHE A 213 -16.23 -17.95 9.84
C PHE A 213 -15.47 -19.27 9.90
N ASN A 214 -16.16 -20.36 10.21
CA ASN A 214 -15.52 -21.68 10.28
C ASN A 214 -16.03 -22.61 9.22
N ARG A 215 -15.11 -23.23 8.50
CA ARG A 215 -15.50 -24.22 7.47
C ARG A 215 -16.16 -25.53 8.01
N ASN A 216 -15.96 -25.86 9.28
CA ASN A 216 -16.71 -26.96 9.90
C ASN A 216 -18.21 -26.67 10.12
N GLU A 217 -18.56 -25.38 10.24
CA GLU A 217 -19.93 -24.87 10.50
C GLU A 217 -20.27 -24.90 12.00
N GLU B 1 -36.36 20.95 -17.76
CA GLU B 1 -35.08 20.88 -16.98
C GLU B 1 -33.81 20.95 -17.85
N VAL B 2 -32.83 21.66 -17.32
CA VAL B 2 -31.51 21.72 -17.92
C VAL B 2 -30.84 20.35 -17.80
N LYS B 3 -30.28 19.86 -18.89
CA LYS B 3 -29.46 18.65 -18.87
C LYS B 3 -28.23 18.80 -19.74
N LEU B 4 -27.14 18.18 -19.30
CA LEU B 4 -25.96 18.02 -20.10
C LEU B 4 -25.56 16.56 -19.96
N VAL B 5 -25.55 15.83 -21.06
CA VAL B 5 -25.24 14.40 -21.01
C VAL B 5 -23.98 14.13 -21.82
N GLU B 6 -22.87 13.89 -21.13
CA GLU B 6 -21.62 13.55 -21.81
C GLU B 6 -21.60 12.11 -22.18
N SER B 7 -20.89 11.82 -23.25
CA SER B 7 -20.64 10.46 -23.66
C SER B 7 -19.42 10.44 -24.55
N GLY B 8 -18.94 9.24 -24.88
CA GLY B 8 -17.73 9.06 -25.69
C GLY B 8 -16.53 8.58 -24.87
N GLY B 9 -16.65 8.57 -23.54
CA GLY B 9 -15.54 8.16 -22.68
C GLY B 9 -15.17 6.68 -22.77
N ASP B 10 -13.88 6.38 -22.90
CA ASP B 10 -13.44 5.01 -23.07
C ASP B 10 -11.98 4.80 -22.68
N LEU B 11 -11.56 3.54 -22.64
CA LEU B 11 -10.16 3.14 -22.56
C LEU B 11 -9.55 3.37 -23.92
N VAL B 12 -8.45 4.12 -23.95
CA VAL B 12 -7.69 4.44 -25.16
C VAL B 12 -6.20 4.15 -24.94
N LYS B 13 -5.49 3.72 -25.97
CA LYS B 13 -4.06 3.48 -25.85
C LYS B 13 -3.29 4.79 -25.98
N PRO B 14 -2.10 4.85 -25.40
CA PRO B 14 -1.29 6.06 -25.55
C PRO B 14 -1.04 6.42 -27.01
N GLY B 15 -1.04 7.71 -27.30
CA GLY B 15 -0.89 8.21 -28.66
C GLY B 15 -2.17 8.12 -29.46
N GLY B 16 -3.21 7.54 -28.86
CA GLY B 16 -4.50 7.42 -29.53
C GLY B 16 -5.38 8.68 -29.46
N SER B 17 -6.61 8.54 -29.96
CA SER B 17 -7.54 9.65 -30.14
C SER B 17 -8.94 9.29 -29.65
N LEU B 18 -9.75 10.30 -29.38
CA LEU B 18 -11.08 10.11 -28.87
C LEU B 18 -11.90 11.36 -29.07
N LYS B 19 -13.20 11.19 -29.29
CA LYS B 19 -14.09 12.32 -29.36
C LYS B 19 -15.13 12.23 -28.28
N LEU B 20 -15.24 13.25 -27.42
CA LEU B 20 -16.29 13.32 -26.41
C LEU B 20 -17.43 14.19 -26.90
N SER B 21 -18.61 13.94 -26.37
CA SER B 21 -19.82 14.66 -26.77
C SER B 21 -20.61 15.07 -25.57
N CYS B 22 -21.29 16.20 -25.68
CA CYS B 22 -22.21 16.59 -24.66
C CYS B 22 -23.50 17.03 -25.34
N ALA B 23 -24.57 16.30 -25.10
CA ALA B 23 -25.87 16.67 -25.61
C ALA B 23 -26.54 17.58 -24.60
N ALA B 24 -26.85 18.80 -25.01
CA ALA B 24 -27.56 19.74 -24.13
C ALA B 24 -29.04 19.73 -24.45
N SER B 25 -29.84 20.09 -23.46
CA SER B 25 -31.27 20.20 -23.65
C SER B 25 -31.87 21.02 -22.51
N GLY B 26 -32.99 21.68 -22.79
CA GLY B 26 -33.77 22.40 -21.77
C GLY B 26 -33.39 23.85 -21.58
N PHE B 27 -32.58 24.37 -22.50
CA PHE B 27 -32.15 25.75 -22.41
C PHE B 27 -31.54 26.10 -23.76
N SER B 28 -31.38 27.40 -24.02
CA SER B 28 -30.91 27.86 -25.31
C SER B 28 -29.41 27.68 -25.39
N PHE B 29 -29.01 26.65 -26.11
CA PHE B 29 -27.59 26.31 -26.21
C PHE B 29 -26.74 27.51 -26.58
N SER B 30 -27.19 28.24 -27.61
CA SER B 30 -26.36 29.30 -28.20
C SER B 30 -26.35 30.65 -27.46
N SER B 31 -26.97 30.72 -26.30
CA SER B 31 -26.89 31.89 -25.44
C SER B 31 -25.83 31.75 -24.33
N HIS B 32 -25.04 30.67 -24.38
CA HIS B 32 -24.14 30.35 -23.30
C HIS B 32 -22.78 29.87 -23.79
N GLY B 33 -21.74 30.39 -23.15
CA GLY B 33 -20.41 29.79 -23.25
C GLY B 33 -20.42 28.38 -22.65
N MET B 34 -19.55 27.54 -23.17
CA MET B 34 -19.40 26.19 -22.67
C MET B 34 -17.93 25.91 -22.40
N SER B 35 -17.67 25.08 -21.39
CA SER B 35 -16.33 24.58 -21.14
C SER B 35 -16.29 23.08 -20.89
N TRP B 36 -15.12 22.50 -21.15
CA TRP B 36 -14.73 21.21 -20.62
C TRP B 36 -13.80 21.39 -19.45
N VAL B 37 -14.00 20.57 -18.42
CA VAL B 37 -13.19 20.58 -17.22
C VAL B 37 -12.92 19.13 -16.87
N ARG B 38 -11.69 18.77 -16.50
CA ARG B 38 -11.42 17.41 -16.07
C ARG B 38 -11.02 17.30 -14.63
N GLN B 39 -11.32 16.13 -14.08
CA GLN B 39 -10.90 15.77 -12.75
C GLN B 39 -10.03 14.53 -12.79
N THR B 40 -8.79 14.69 -12.34
CA THR B 40 -7.79 13.64 -12.37
C THR B 40 -8.00 12.74 -11.18
N PRO B 41 -7.32 11.60 -11.13
CA PRO B 41 -7.58 10.65 -10.03
C PRO B 41 -7.17 11.11 -8.63
N ASP B 42 -6.23 12.04 -8.54
CA ASP B 42 -5.91 12.73 -7.28
C ASP B 42 -6.92 13.82 -6.89
N LYS B 43 -7.89 14.09 -7.77
CA LYS B 43 -9.05 14.93 -7.49
C LYS B 43 -8.86 16.44 -7.73
N ARG B 44 -7.69 16.85 -8.23
CA ARG B 44 -7.56 18.21 -8.74
C ARG B 44 -8.59 18.45 -9.84
N LEU B 45 -9.11 19.66 -9.89
CA LEU B 45 -9.94 20.09 -11.01
C LEU B 45 -9.11 20.93 -11.92
N GLU B 46 -9.15 20.65 -13.23
CA GLU B 46 -8.37 21.39 -14.19
C GLU B 46 -9.27 21.79 -15.35
N TRP B 47 -9.47 23.08 -15.52
CA TRP B 47 -10.15 23.58 -16.70
C TRP B 47 -9.30 23.30 -17.93
N VAL B 48 -9.96 22.85 -19.00
CA VAL B 48 -9.29 22.33 -20.20
C VAL B 48 -9.47 23.24 -21.42
N ALA B 49 -10.70 23.63 -21.72
CA ALA B 49 -10.97 24.40 -22.93
C ALA B 49 -12.32 25.09 -22.83
N LEU B 50 -12.46 26.23 -23.51
CA LEU B 50 -13.72 26.97 -23.47
C LEU B 50 -14.06 27.34 -24.88
N ILE B 51 -15.35 27.54 -25.13
CA ILE B 51 -15.84 27.99 -26.44
C ILE B 51 -16.98 29.00 -26.27
N SER B 52 -16.92 30.06 -27.06
CA SER B 52 -17.89 31.16 -26.96
C SER B 52 -19.24 30.75 -27.54
N ARG B 53 -20.26 31.54 -27.24
CA ARG B 53 -21.63 31.27 -27.66
C ARG B 53 -21.71 30.96 -29.13
N GLY B 54 -21.00 31.75 -29.92
CA GLY B 54 -20.99 31.61 -31.37
C GLY B 54 -20.18 30.43 -31.89
N GLY B 55 -19.11 30.10 -31.19
CA GLY B 55 -18.17 29.08 -31.66
C GLY B 55 -16.99 29.71 -32.40
N SER B 56 -16.99 31.04 -32.44
CA SER B 56 -15.97 31.82 -33.11
C SER B 56 -14.69 31.80 -32.31
N TYR B 57 -14.81 31.96 -31.00
CA TYR B 57 -13.65 32.07 -30.10
C TYR B 57 -13.48 30.84 -29.20
N THR B 58 -12.27 30.31 -29.14
CA THR B 58 -11.92 29.17 -28.29
C THR B 58 -10.65 29.49 -27.56
N TYR B 59 -10.47 28.86 -26.40
CA TYR B 59 -9.24 29.00 -25.67
C TYR B 59 -8.95 27.72 -24.92
N TYR B 60 -7.68 27.37 -24.79
CA TYR B 60 -7.29 26.07 -24.26
C TYR B 60 -6.24 26.17 -23.18
N SER B 61 -6.25 25.22 -22.26
CA SER B 61 -5.20 25.19 -21.26
C SER B 61 -3.90 24.80 -21.96
N ASP B 62 -2.79 25.10 -21.31
CA ASP B 62 -1.46 24.87 -21.86
C ASP B 62 -1.20 23.37 -22.10
N SER B 63 -1.70 22.52 -21.19
CA SER B 63 -1.44 21.08 -21.27
C SER B 63 -2.13 20.39 -22.44
N VAL B 64 -3.16 21.00 -22.99
CA VAL B 64 -3.91 20.40 -24.08
C VAL B 64 -3.79 21.16 -25.39
N LYS B 65 -3.16 22.33 -25.39
CA LYS B 65 -3.09 23.15 -26.62
C LYS B 65 -2.31 22.42 -27.73
N GLY B 66 -2.83 22.47 -28.97
CA GLY B 66 -2.26 21.75 -30.12
C GLY B 66 -2.53 20.25 -30.22
N ARG B 67 -3.32 19.72 -29.28
CA ARG B 67 -3.66 18.29 -29.24
C ARG B 67 -5.17 18.10 -29.15
N PHE B 68 -5.85 19.01 -28.44
CA PHE B 68 -7.29 18.93 -28.23
C PHE B 68 -7.95 20.00 -29.02
N THR B 69 -9.17 19.76 -29.42
CA THR B 69 -9.92 20.75 -30.13
C THR B 69 -11.37 20.72 -29.69
N ILE B 70 -11.85 21.88 -29.24
CA ILE B 70 -13.21 22.05 -28.75
C ILE B 70 -14.04 22.66 -29.88
N SER B 71 -15.30 22.26 -29.99
CA SER B 71 -16.16 22.73 -31.07
C SER B 71 -17.60 22.53 -30.67
N ARG B 72 -18.49 23.31 -31.29
CA ARG B 72 -19.91 23.21 -31.02
C ARG B 72 -20.72 23.26 -32.31
N ASP B 73 -21.81 22.51 -32.32
CA ASP B 73 -22.82 22.56 -33.37
C ASP B 73 -24.10 23.09 -32.72
N ASN B 74 -24.35 24.39 -32.89
CA ASN B 74 -25.51 25.02 -32.26
C ASN B 74 -26.88 24.53 -32.77
N ALA B 75 -26.91 24.03 -34.00
CA ALA B 75 -28.10 23.36 -34.53
C ALA B 75 -28.44 22.06 -33.78
N LYS B 76 -27.42 21.30 -33.37
CA LYS B 76 -27.64 20.00 -32.71
C LYS B 76 -27.62 20.03 -31.18
N ASN B 77 -27.46 21.21 -30.59
CA ASN B 77 -27.31 21.33 -29.14
C ASN B 77 -26.23 20.40 -28.57
N THR B 78 -25.10 20.37 -29.28
CA THR B 78 -24.05 19.45 -28.96
C THR B 78 -22.74 20.21 -28.84
N LEU B 79 -21.98 19.85 -27.81
CA LEU B 79 -20.61 20.31 -27.57
C LEU B 79 -19.65 19.11 -27.77
N TYR B 80 -18.48 19.36 -28.36
CA TYR B 80 -17.54 18.28 -28.70
C TYR B 80 -16.16 18.55 -28.15
N LEU B 81 -15.44 17.50 -27.80
CA LEU B 81 -14.04 17.63 -27.48
C LEU B 81 -13.25 16.56 -28.24
N GLN B 82 -12.44 17.00 -29.19
CA GLN B 82 -11.61 16.11 -29.96
C GLN B 82 -10.23 16.01 -29.30
N MET B 83 -9.87 14.82 -28.88
CA MET B 83 -8.61 14.61 -28.22
C MET B 83 -7.74 13.79 -29.13
N SER B 84 -6.48 14.20 -29.26
CA SER B 84 -5.50 13.43 -30.00
C SER B 84 -4.19 13.41 -29.25
N GLY B 85 -3.32 12.47 -29.60
CA GLY B 85 -1.99 12.40 -29.01
C GLY B 85 -2.04 12.20 -27.53
N LEU B 86 -2.88 11.25 -27.10
CA LEU B 86 -3.23 11.10 -25.70
C LEU B 86 -2.12 10.52 -24.87
N ARG B 87 -1.93 11.08 -23.67
CA ARG B 87 -0.98 10.59 -22.67
C ARG B 87 -1.70 10.16 -21.39
N SER B 88 -0.92 9.61 -20.46
CA SER B 88 -1.42 9.19 -19.17
C SER B 88 -1.96 10.35 -18.31
N GLU B 89 -1.27 11.49 -18.32
CA GLU B 89 -1.80 12.76 -17.76
C GLU B 89 -3.29 12.98 -18.06
N ASP B 90 -3.68 12.64 -19.27
CA ASP B 90 -5.04 12.88 -19.74
C ASP B 90 -6.13 11.97 -19.15
N THR B 91 -5.75 10.95 -18.39
CA THR B 91 -6.73 10.08 -17.70
C THR B 91 -7.52 10.87 -16.66
N ALA B 92 -8.84 10.92 -16.81
CA ALA B 92 -9.64 11.75 -15.92
C ALA B 92 -11.11 11.56 -16.17
N ILE B 93 -11.94 12.18 -15.31
CA ILE B 93 -13.33 12.37 -15.59
C ILE B 93 -13.50 13.73 -16.28
N TYR B 94 -14.11 13.74 -17.46
CA TYR B 94 -14.34 14.96 -18.22
C TYR B 94 -15.78 15.39 -18.10
N TYR B 95 -15.95 16.61 -17.59
CA TYR B 95 -17.24 17.26 -17.43
C TYR B 95 -17.47 18.36 -18.47
N CYS B 96 -18.68 18.42 -19.00
CA CYS B 96 -19.14 19.49 -19.83
C CYS B 96 -19.82 20.48 -18.87
N THR B 97 -19.52 21.77 -18.99
CA THR B 97 -20.13 22.80 -18.13
C THR B 97 -20.74 23.95 -18.93
N ARG B 98 -21.84 24.46 -18.42
CA ARG B 98 -22.42 25.65 -18.99
C ARG B 98 -22.02 26.85 -18.15
N HIS B 99 -21.57 27.92 -18.80
CA HIS B 99 -21.34 29.19 -18.13
C HIS B 99 -22.66 29.90 -17.88
N LYS B 100 -22.74 30.68 -16.80
CA LYS B 100 -23.88 31.61 -16.61
C LYS B 100 -23.85 32.65 -17.71
N GLY B 101 -25.02 33.20 -18.04
CA GLY B 101 -25.12 34.20 -19.11
C GLY B 101 -25.32 35.62 -18.59
N LEU B 102 -24.53 35.99 -17.58
CA LEU B 102 -24.60 37.36 -17.02
C LEU B 102 -23.71 38.33 -17.78
N ARG B 103 -24.05 39.61 -17.68
CA ARG B 103 -23.35 40.66 -18.42
C ARG B 103 -22.20 41.09 -17.52
N ARG B 104 -21.42 42.08 -17.97
CA ARG B 104 -20.41 42.72 -17.13
C ARG B 104 -19.29 41.77 -16.68
N GLY B 105 -18.81 40.94 -17.62
CA GLY B 105 -17.61 40.12 -17.39
C GLY B 105 -17.77 38.61 -17.55
N THR B 106 -16.74 37.90 -17.09
CA THR B 106 -16.62 36.43 -17.20
C THR B 106 -17.41 35.68 -16.13
N ASN B 107 -17.77 34.44 -16.43
CA ASN B 107 -18.78 33.76 -15.65
C ASN B 107 -18.38 32.46 -14.94
N ALA B 108 -19.21 32.10 -13.98
CA ALA B 108 -19.14 30.85 -13.29
C ALA B 108 -19.77 29.81 -14.16
N MET B 109 -19.55 28.55 -13.80
CA MET B 109 -20.15 27.41 -14.48
C MET B 109 -21.32 26.92 -13.65
N ASP B 110 -22.53 27.24 -14.07
CA ASP B 110 -23.69 26.98 -13.23
C ASP B 110 -24.28 25.59 -13.39
N TYR B 111 -23.88 24.85 -14.41
CA TYR B 111 -24.40 23.51 -14.55
C TYR B 111 -23.37 22.59 -15.19
N TRP B 112 -23.34 21.35 -14.69
CA TRP B 112 -22.33 20.37 -15.02
C TRP B 112 -22.95 19.04 -15.36
N GLY B 113 -22.44 18.36 -16.38
CA GLY B 113 -22.88 17.02 -16.67
C GLY B 113 -22.31 16.06 -15.62
N GLN B 114 -22.75 14.81 -15.66
CA GLN B 114 -22.32 13.82 -14.68
C GLN B 114 -20.88 13.42 -14.89
N GLY B 115 -20.41 13.68 -16.09
CA GLY B 115 -19.03 13.42 -16.44
C GLY B 115 -18.93 12.10 -17.18
N THR B 116 -17.89 12.00 -18.02
CA THR B 116 -17.57 10.77 -18.77
C THR B 116 -16.10 10.43 -18.49
N SER B 117 -15.84 9.16 -18.18
CA SER B 117 -14.51 8.71 -17.79
C SER B 117 -13.66 8.36 -19.00
N VAL B 118 -12.38 8.71 -18.94
CA VAL B 118 -11.43 8.44 -20.00
C VAL B 118 -10.17 7.89 -19.37
N THR B 119 -9.80 6.69 -19.75
CA THR B 119 -8.56 6.09 -19.25
C THR B 119 -7.55 5.89 -20.38
N VAL B 120 -6.35 6.41 -20.21
CA VAL B 120 -5.30 6.24 -21.18
C VAL B 120 -4.29 5.21 -20.69
N SER B 121 -4.32 4.03 -21.30
CA SER B 121 -3.44 2.94 -20.88
C SER B 121 -3.19 1.87 -21.96
N ALA B 122 -1.99 1.30 -21.90
CA ALA B 122 -1.56 0.25 -22.82
C ALA B 122 -2.19 -1.09 -22.41
N ALA B 123 -2.72 -1.15 -21.19
CA ALA B 123 -3.34 -2.36 -20.68
C ALA B 123 -4.67 -2.69 -21.35
N LYS B 124 -5.13 -3.92 -21.15
CA LYS B 124 -6.28 -4.46 -21.87
C LYS B 124 -7.52 -4.39 -21.00
N THR B 125 -8.64 -4.20 -21.64
CA THR B 125 -9.92 -4.26 -20.98
C THR B 125 -10.20 -5.64 -20.43
N THR B 126 -10.60 -5.71 -19.16
CA THR B 126 -11.00 -6.96 -18.53
C THR B 126 -12.36 -6.76 -17.89
N PRO B 127 -13.31 -7.67 -18.16
CA PRO B 127 -14.64 -7.57 -17.53
C PRO B 127 -14.55 -8.06 -16.09
N PRO B 128 -15.44 -7.61 -15.23
CA PRO B 128 -15.36 -8.03 -13.85
C PRO B 128 -15.91 -9.42 -13.63
N SER B 129 -15.46 -10.07 -12.57
CA SER B 129 -16.16 -11.22 -12.02
C SER B 129 -16.95 -10.70 -10.84
N VAL B 130 -18.21 -11.12 -10.74
CA VAL B 130 -19.14 -10.63 -9.72
C VAL B 130 -19.59 -11.78 -8.86
N TYR B 131 -19.39 -11.63 -7.56
CA TYR B 131 -19.70 -12.69 -6.63
C TYR B 131 -20.65 -12.23 -5.54
N PRO B 132 -21.65 -13.06 -5.25
CA PRO B 132 -22.58 -12.75 -4.18
C PRO B 132 -21.90 -12.93 -2.83
N LEU B 133 -22.27 -12.10 -1.87
CA LEU B 133 -21.82 -12.27 -0.49
C LEU B 133 -23.02 -12.46 0.40
N ALA B 134 -23.27 -13.73 0.74
CA ALA B 134 -24.35 -14.12 1.65
C ALA B 134 -23.76 -14.52 2.99
N PRO B 135 -24.45 -14.20 4.11
CA PRO B 135 -23.94 -14.52 5.45
C PRO B 135 -23.62 -16.02 5.64
N GLY B 136 -22.60 -16.32 6.45
CA GLY B 136 -22.24 -17.69 6.76
C GLY B 136 -23.35 -18.40 7.52
N SER B 137 -23.44 -19.72 7.31
CA SER B 137 -24.56 -20.54 7.80
C SER B 137 -24.78 -20.54 9.32
N ALA B 138 -23.71 -20.33 10.09
CA ALA B 138 -23.79 -20.30 11.56
C ALA B 138 -24.15 -18.92 12.18
N ALA B 139 -24.29 -17.88 11.36
CA ALA B 139 -24.49 -16.50 11.85
C ALA B 139 -25.88 -16.25 12.45
N GLN B 140 -25.99 -15.23 13.30
CA GLN B 140 -27.23 -14.91 14.06
C GLN B 140 -28.08 -13.75 13.49
N THR B 141 -29.37 -14.01 13.29
CA THR B 141 -30.31 -12.98 12.80
C THR B 141 -30.83 -12.07 13.93
N ASN B 142 -30.37 -10.82 13.91
CA ASN B 142 -30.66 -9.83 14.95
C ASN B 142 -31.23 -8.58 14.28
N SER B 143 -32.48 -8.64 13.83
CA SER B 143 -33.19 -7.50 13.22
C SER B 143 -32.68 -7.12 11.80
N MET B 144 -31.46 -6.60 11.70
CA MET B 144 -30.87 -6.20 10.42
C MET B 144 -29.99 -7.30 9.89
N VAL B 145 -29.89 -7.40 8.56
CA VAL B 145 -28.96 -8.33 7.92
C VAL B 145 -28.18 -7.63 6.80
N THR B 146 -26.89 -7.96 6.67
CA THR B 146 -26.04 -7.30 5.69
C THR B 146 -25.65 -8.27 4.60
N LEU B 147 -25.84 -7.85 3.36
CA LEU B 147 -25.49 -8.64 2.20
C LEU B 147 -24.51 -7.82 1.39
N GLY B 148 -23.89 -8.46 0.41
CA GLY B 148 -22.98 -7.69 -0.37
C GLY B 148 -22.61 -8.34 -1.63
N CYS B 149 -21.68 -7.71 -2.29
CA CYS B 149 -21.40 -8.01 -3.65
C CYS B 149 -19.95 -7.63 -3.91
N LEU B 150 -19.16 -8.57 -4.45
CA LEU B 150 -17.74 -8.35 -4.68
C LEU B 150 -17.50 -8.31 -6.17
N VAL B 151 -16.81 -7.28 -6.63
CA VAL B 151 -16.63 -7.07 -8.04
C VAL B 151 -15.15 -6.99 -8.29
N LYS B 152 -14.65 -8.02 -8.95
CA LYS B 152 -13.24 -8.34 -8.90
C LYS B 152 -12.64 -8.49 -10.27
N GLY B 153 -11.47 -7.88 -10.46
CA GLY B 153 -10.59 -8.24 -11.56
C GLY B 153 -10.93 -7.59 -12.87
N TYR B 154 -11.23 -6.29 -12.82
CA TYR B 154 -11.66 -5.57 -14.02
C TYR B 154 -10.76 -4.40 -14.37
N PHE B 155 -10.87 -3.94 -15.61
CA PHE B 155 -10.11 -2.80 -16.08
C PHE B 155 -10.76 -2.27 -17.35
N PRO B 156 -10.86 -0.95 -17.48
CA PRO B 156 -10.56 0.01 -16.46
C PRO B 156 -11.75 0.31 -15.56
N GLU B 157 -11.62 1.35 -14.73
CA GLU B 157 -12.76 1.99 -14.06
C GLU B 157 -13.57 2.76 -15.11
N PRO B 158 -14.86 2.99 -14.88
CA PRO B 158 -15.57 2.60 -13.66
C PRO B 158 -16.50 1.41 -13.87
N VAL B 159 -16.97 0.85 -12.75
CA VAL B 159 -18.17 0.05 -12.74
C VAL B 159 -19.25 0.80 -11.94
N THR B 160 -20.50 0.47 -12.20
CA THR B 160 -21.60 1.05 -11.46
C THR B 160 -22.32 -0.12 -10.77
N VAL B 161 -22.72 0.12 -9.53
CA VAL B 161 -23.41 -0.87 -8.74
C VAL B 161 -24.71 -0.27 -8.22
N THR B 162 -25.76 -1.06 -8.28
CA THR B 162 -27.04 -0.70 -7.70
C THR B 162 -27.62 -1.96 -7.13
N TRP B 163 -28.62 -1.78 -6.30
CA TRP B 163 -29.25 -2.87 -5.61
C TRP B 163 -30.74 -2.84 -5.94
N ASN B 164 -31.27 -3.97 -6.41
CA ASN B 164 -32.66 -4.05 -6.88
C ASN B 164 -32.99 -2.89 -7.84
N SER B 165 -32.10 -2.76 -8.82
CA SER B 165 -32.16 -1.75 -9.87
C SER B 165 -32.42 -0.32 -9.45
N GLY B 166 -32.15 0.01 -8.18
CA GLY B 166 -32.35 1.37 -7.67
C GLY B 166 -33.35 1.38 -6.53
N SER B 167 -34.25 0.38 -6.48
CA SER B 167 -35.26 0.24 -5.41
C SER B 167 -34.66 0.27 -4.00
N LEU B 168 -33.43 -0.21 -3.87
CA LEU B 168 -32.69 -0.19 -2.60
C LEU B 168 -31.63 0.91 -2.66
N SER B 169 -31.81 2.00 -1.92
CA SER B 169 -30.88 3.12 -1.99
C SER B 169 -30.19 3.42 -0.66
N SER B 170 -30.89 3.23 0.46
CA SER B 170 -30.32 3.50 1.78
C SER B 170 -29.81 2.21 2.45
N GLY B 171 -28.82 2.40 3.32
CA GLY B 171 -28.13 1.29 3.96
C GLY B 171 -27.22 0.59 2.96
N VAL B 172 -26.69 1.37 2.02
CA VAL B 172 -25.82 0.88 0.97
C VAL B 172 -24.48 1.58 1.07
N HIS B 173 -23.41 0.82 1.05
CA HIS B 173 -22.09 1.39 0.96
C HIS B 173 -21.41 0.70 -0.16
N THR B 174 -20.88 1.49 -1.08
CA THR B 174 -20.19 1.00 -2.23
C THR B 174 -18.83 1.60 -2.08
N PHE B 175 -17.81 0.75 -2.02
CA PHE B 175 -16.51 1.17 -1.59
C PHE B 175 -15.69 1.50 -2.80
N PRO B 176 -14.82 2.52 -2.71
CA PRO B 176 -14.01 2.86 -3.87
C PRO B 176 -13.11 1.70 -4.33
N ALA B 177 -12.81 1.69 -5.62
CA ALA B 177 -12.07 0.62 -6.23
C ALA B 177 -10.63 0.71 -5.79
N VAL B 178 -9.99 -0.45 -5.68
CA VAL B 178 -8.59 -0.50 -5.31
C VAL B 178 -7.88 -1.35 -6.35
N LEU B 179 -6.71 -0.86 -6.78
CA LEU B 179 -5.93 -1.50 -7.83
C LEU B 179 -4.84 -2.42 -7.26
N GLN B 180 -4.70 -3.60 -7.85
CA GLN B 180 -3.72 -4.61 -7.40
C GLN B 180 -3.29 -5.41 -8.62
N SER B 181 -2.00 -5.43 -8.89
CA SER B 181 -1.50 -6.16 -10.06
C SER B 181 -2.21 -5.72 -11.36
N ASP B 182 -2.42 -4.42 -11.48
CA ASP B 182 -3.13 -3.78 -12.63
C ASP B 182 -4.57 -4.26 -12.90
N LEU B 183 -5.29 -4.65 -11.84
CA LEU B 183 -6.73 -4.95 -11.94
C LEU B 183 -7.48 -4.34 -10.76
N TYR B 184 -8.65 -3.75 -11.02
CA TYR B 184 -9.44 -3.15 -9.96
C TYR B 184 -10.34 -4.17 -9.28
N THR B 185 -10.68 -3.82 -8.05
CA THR B 185 -11.61 -4.59 -7.24
C THR B 185 -12.43 -3.62 -6.39
N LEU B 186 -13.73 -3.87 -6.28
CA LEU B 186 -14.53 -3.16 -5.30
C LEU B 186 -15.58 -4.04 -4.69
N SER B 187 -16.27 -3.49 -3.71
CA SER B 187 -17.31 -4.21 -3.06
C SER B 187 -18.43 -3.26 -2.69
N SER B 188 -19.61 -3.83 -2.46
CA SER B 188 -20.71 -3.05 -2.00
C SER B 188 -21.44 -3.89 -0.99
N SER B 189 -21.90 -3.22 0.06
CA SER B 189 -22.74 -3.83 1.05
C SER B 189 -24.07 -3.16 1.02
N VAL B 190 -25.08 -3.91 1.46
CA VAL B 190 -26.37 -3.36 1.71
C VAL B 190 -26.98 -4.02 2.93
N THR B 191 -27.62 -3.21 3.75
CA THR B 191 -28.25 -3.66 4.97
C THR B 191 -29.75 -3.49 4.85
N VAL B 192 -30.47 -4.56 5.13
CA VAL B 192 -31.94 -4.58 5.12
C VAL B 192 -32.45 -5.24 6.41
N PRO B 193 -33.76 -5.08 6.72
CA PRO B 193 -34.35 -5.82 7.86
C PRO B 193 -34.44 -7.34 7.60
N SER B 194 -34.27 -8.14 8.66
CA SER B 194 -34.20 -9.62 8.54
C SER B 194 -35.44 -10.25 7.94
N SER B 195 -36.60 -9.64 8.16
CA SER B 195 -37.85 -10.16 7.57
C SER B 195 -37.80 -10.15 6.05
N THR B 196 -37.33 -9.03 5.48
CA THR B 196 -37.40 -8.80 4.04
C THR B 196 -36.53 -9.79 3.22
N TRP B 197 -35.53 -10.39 3.84
CA TRP B 197 -34.66 -11.33 3.13
C TRP B 197 -34.41 -12.53 4.03
N PRO B 198 -34.53 -13.77 3.51
CA PRO B 198 -34.68 -14.08 2.07
C PRO B 198 -36.10 -14.16 1.48
N SER B 199 -37.10 -13.56 2.14
CA SER B 199 -38.48 -13.56 1.64
C SER B 199 -38.55 -12.80 0.32
N GLU B 200 -38.26 -11.51 0.34
CA GLU B 200 -38.19 -10.75 -0.90
C GLU B 200 -36.81 -10.99 -1.48
N THR B 201 -36.56 -10.37 -2.63
CA THR B 201 -35.38 -10.69 -3.41
C THR B 201 -34.37 -9.53 -3.45
N VAL B 202 -33.10 -9.85 -3.27
CA VAL B 202 -32.05 -8.83 -3.29
C VAL B 202 -31.04 -9.16 -4.33
N THR B 203 -30.81 -8.23 -5.23
CA THR B 203 -29.97 -8.49 -6.38
C THR B 203 -29.04 -7.30 -6.59
N CYS B 204 -27.75 -7.55 -6.79
CA CYS B 204 -26.88 -6.44 -7.17
C CYS B 204 -26.77 -6.37 -8.68
N ASN B 205 -26.74 -5.16 -9.19
CA ASN B 205 -26.61 -4.95 -10.61
C ASN B 205 -25.29 -4.29 -10.84
N VAL B 206 -24.52 -4.86 -11.75
CA VAL B 206 -23.19 -4.41 -11.97
C VAL B 206 -23.03 -4.18 -13.44
N ALA B 207 -22.52 -3.01 -13.79
CA ALA B 207 -22.29 -2.67 -15.17
C ALA B 207 -20.87 -2.17 -15.35
N HIS B 208 -20.26 -2.56 -16.46
CA HIS B 208 -18.92 -2.17 -16.83
C HIS B 208 -18.94 -1.77 -18.30
N PRO B 209 -19.17 -0.47 -18.57
CA PRO B 209 -19.30 -0.02 -19.95
C PRO B 209 -18.17 -0.47 -20.87
N ALA B 210 -16.94 -0.30 -20.43
CA ALA B 210 -15.78 -0.49 -21.30
C ALA B 210 -15.63 -1.90 -21.83
N SER B 211 -16.23 -2.88 -21.15
CA SER B 211 -16.27 -4.25 -21.65
C SER B 211 -17.68 -4.68 -22.00
N SER B 212 -18.59 -3.71 -22.10
CA SER B 212 -19.99 -4.00 -22.41
C SER B 212 -20.55 -5.11 -21.52
N THR B 213 -20.32 -5.06 -20.23
CA THR B 213 -20.77 -6.08 -19.31
C THR B 213 -21.93 -5.55 -18.49
N LYS B 214 -22.85 -6.45 -18.15
CA LYS B 214 -23.96 -6.13 -17.30
C LYS B 214 -24.37 -7.44 -16.66
N VAL B 215 -24.23 -7.52 -15.33
CA VAL B 215 -24.55 -8.72 -14.59
C VAL B 215 -25.53 -8.37 -13.48
N ASP B 216 -26.44 -9.30 -13.20
CA ASP B 216 -27.42 -9.17 -12.13
C ASP B 216 -27.29 -10.37 -11.23
N LYS B 217 -26.71 -10.20 -10.06
CA LYS B 217 -26.43 -11.32 -9.21
C LYS B 217 -27.41 -11.32 -8.07
N LYS B 218 -28.23 -12.36 -8.02
CA LYS B 218 -29.21 -12.56 -6.97
C LYS B 218 -28.48 -13.08 -5.75
N ILE B 219 -28.77 -12.51 -4.58
CA ILE B 219 -28.17 -12.98 -3.35
C ILE B 219 -29.07 -14.04 -2.73
N VAL B 220 -28.55 -15.26 -2.69
CA VAL B 220 -29.26 -16.44 -2.20
C VAL B 220 -28.61 -16.93 -0.91
N PRO B 221 -29.40 -17.39 0.09
CA PRO B 221 -28.77 -18.04 1.25
C PRO B 221 -28.13 -19.36 0.90
N ARG B 222 -27.37 -19.95 1.83
CA ARG B 222 -26.57 -21.15 1.58
C ARG B 222 -27.23 -22.42 2.16
N ASP C 1 1.94 8.79 -11.99
CA ASP C 1 3.12 8.03 -11.49
C ASP C 1 3.68 7.13 -12.58
N ILE C 2 4.99 7.25 -12.84
CA ILE C 2 5.65 6.31 -13.75
C ILE C 2 5.71 4.96 -13.05
N VAL C 3 5.50 3.91 -13.82
CA VAL C 3 5.48 2.56 -13.30
C VAL C 3 6.63 1.81 -13.91
N LEU C 4 7.37 1.11 -13.07
CA LEU C 4 8.51 0.32 -13.52
C LEU C 4 8.23 -1.15 -13.30
N THR C 5 8.36 -1.93 -14.37
CA THR C 5 8.15 -3.36 -14.32
C THR C 5 9.46 -4.02 -14.67
N GLN C 6 9.90 -4.90 -13.80
CA GLN C 6 11.18 -5.53 -13.95
C GLN C 6 10.95 -6.94 -14.41
N SER C 7 11.87 -7.46 -15.21
CA SER C 7 11.84 -8.87 -15.55
C SER C 7 13.25 -9.43 -15.61
N PRO C 8 13.39 -10.72 -15.30
CA PRO C 8 12.31 -11.52 -14.70
C PRO C 8 12.14 -11.19 -13.21
N ALA C 9 11.23 -11.90 -12.53
CA ALA C 9 11.00 -11.70 -11.09
C ALA C 9 12.10 -12.39 -10.26
N SER C 10 12.56 -13.53 -10.77
CA SER C 10 13.79 -14.13 -10.28
C SER C 10 14.58 -14.69 -11.46
N LEU C 11 15.87 -14.93 -11.24
CA LEU C 11 16.77 -15.38 -12.28
C LEU C 11 17.81 -16.24 -11.63
N ALA C 12 18.13 -17.37 -12.25
CA ALA C 12 19.11 -18.28 -11.68
C ALA C 12 20.23 -18.45 -12.68
N VAL C 13 21.46 -18.31 -12.23
CA VAL C 13 22.62 -18.42 -13.12
C VAL C 13 23.72 -19.15 -12.40
N SER C 14 24.61 -19.76 -13.16
CA SER C 14 25.75 -20.47 -12.60
C SER C 14 26.89 -19.50 -12.35
N LEU C 15 27.80 -19.89 -11.46
CA LEU C 15 28.98 -19.10 -11.16
C LEU C 15 29.81 -18.87 -12.42
N GLY C 16 30.36 -17.67 -12.60
CA GLY C 16 31.20 -17.37 -13.77
C GLY C 16 30.45 -16.96 -15.03
N GLN C 17 29.14 -17.13 -15.05
CA GLN C 17 28.29 -16.84 -16.22
C GLN C 17 27.79 -15.40 -16.22
N ARG C 18 26.98 -15.08 -17.23
CA ARG C 18 26.44 -13.73 -17.42
C ARG C 18 24.97 -13.64 -17.00
N ALA C 19 24.58 -12.52 -16.40
CA ALA C 19 23.17 -12.29 -16.02
C ALA C 19 22.75 -10.91 -16.44
N THR C 20 21.53 -10.82 -16.95
CA THR C 20 20.99 -9.57 -17.43
C THR C 20 19.55 -9.45 -16.93
N ILE C 21 19.17 -8.24 -16.52
CA ILE C 21 17.90 -7.96 -15.89
C ILE C 21 17.35 -6.75 -16.57
N SER C 22 16.05 -6.75 -16.86
CA SER C 22 15.40 -5.64 -17.56
C SER C 22 14.46 -4.85 -16.67
N CYS C 23 14.26 -3.62 -17.08
CA CYS C 23 13.34 -2.72 -16.43
C CYS C 23 12.63 -2.02 -17.57
N ARG C 24 11.30 -2.09 -17.58
CA ARG C 24 10.50 -1.35 -18.54
C ARG C 24 9.77 -0.21 -17.82
N ALA C 25 9.92 0.99 -18.34
CA ALA C 25 9.19 2.13 -17.81
C ALA C 25 7.88 2.30 -18.57
N SER C 26 6.85 2.76 -17.86
CA SER C 26 5.56 3.03 -18.48
C SER C 26 5.63 4.25 -19.42
N GLU C 27 6.47 5.25 -19.12
CA GLU C 27 6.77 6.32 -20.06
C GLU C 27 8.25 6.60 -20.05
N SER C 28 8.71 7.46 -20.95
CA SER C 28 10.14 7.77 -21.08
C SER C 28 10.72 8.42 -19.81
N VAL C 29 11.98 8.14 -19.53
CA VAL C 29 12.72 8.75 -18.42
C VAL C 29 13.90 9.59 -18.91
N ASP C 30 13.86 10.02 -20.16
CA ASP C 30 14.98 10.75 -20.77
C ASP C 30 14.85 12.26 -20.63
N ASN C 31 16.00 12.94 -20.60
CA ASN C 31 16.09 14.40 -20.61
C ASN C 31 17.56 14.85 -20.65
N TYR C 32 17.86 15.98 -21.32
CA TYR C 32 19.24 16.49 -21.51
C TYR C 32 20.13 15.43 -22.23
N GLY C 33 19.53 14.60 -23.09
CA GLY C 33 20.21 13.42 -23.62
C GLY C 33 20.26 12.26 -22.63
N ASN C 34 20.63 12.55 -21.38
CA ASN C 34 20.74 11.56 -20.29
C ASN C 34 19.45 10.79 -20.00
N SER C 35 19.62 9.59 -19.47
CA SER C 35 18.49 8.78 -18.97
C SER C 35 18.53 8.73 -17.42
N PHE C 36 17.38 8.95 -16.77
CA PHE C 36 17.34 9.05 -15.30
C PHE C 36 16.82 7.79 -14.65
N MET C 37 17.66 6.76 -14.78
CA MET C 37 17.35 5.41 -14.40
C MET C 37 18.55 4.88 -13.63
N HIS C 38 18.30 4.37 -12.43
CA HIS C 38 19.37 3.94 -11.55
C HIS C 38 19.08 2.50 -11.10
N TRP C 39 20.13 1.79 -10.71
CA TRP C 39 20.04 0.43 -10.24
C TRP C 39 20.65 0.28 -8.86
N TYR C 40 20.02 -0.55 -8.03
CA TYR C 40 20.49 -0.78 -6.68
C TYR C 40 20.54 -2.27 -6.35
N GLN C 41 21.44 -2.62 -5.46
CA GLN C 41 21.58 -3.96 -4.96
C GLN C 41 21.25 -3.97 -3.49
N GLN C 42 20.34 -4.87 -3.11
CA GLN C 42 20.09 -5.14 -1.70
C GLN C 42 20.29 -6.59 -1.33
N LYS C 43 21.25 -6.83 -0.44
CA LYS C 43 21.50 -8.12 0.15
C LYS C 43 20.72 -8.23 1.45
N PRO C 44 20.47 -9.47 1.90
CA PRO C 44 19.53 -9.58 3.02
C PRO C 44 20.06 -8.98 4.31
N GLY C 45 19.23 -8.19 4.99
CA GLY C 45 19.60 -7.55 6.25
C GLY C 45 20.52 -6.35 6.08
N GLN C 46 20.54 -5.78 4.87
CA GLN C 46 21.40 -4.67 4.54
C GLN C 46 20.63 -3.62 3.80
N PRO C 47 21.13 -2.38 3.82
CA PRO C 47 20.44 -1.39 3.00
C PRO C 47 20.84 -1.51 1.53
N PRO C 48 19.99 -0.99 0.65
CA PRO C 48 20.34 -0.91 -0.75
C PRO C 48 21.63 -0.17 -0.98
N LYS C 49 22.38 -0.65 -1.96
CA LYS C 49 23.63 -0.02 -2.37
C LYS C 49 23.44 0.40 -3.83
N LEU C 50 23.80 1.63 -4.12
CA LEU C 50 23.76 2.12 -5.52
C LEU C 50 24.82 1.44 -6.34
N LEU C 51 24.44 0.91 -7.51
CA LEU C 51 25.40 0.28 -8.46
C LEU C 51 25.67 1.10 -9.71
N ILE C 52 24.61 1.55 -10.36
CA ILE C 52 24.67 2.25 -11.61
C ILE C 52 23.73 3.41 -11.53
N TYR C 53 24.23 4.59 -11.90
CA TYR C 53 23.38 5.79 -11.96
C TYR C 53 23.34 6.31 -13.38
N ARG C 54 22.20 6.93 -13.74
CA ARG C 54 21.99 7.51 -15.04
C ARG C 54 22.25 6.48 -16.12
N ALA C 55 21.69 5.29 -15.91
CA ALA C 55 21.72 4.19 -16.88
C ALA C 55 23.10 3.59 -17.16
N SER C 56 24.09 4.41 -17.44
CA SER C 56 25.39 3.95 -17.95
C SER C 56 26.46 3.88 -16.86
N ASN C 57 26.37 4.78 -15.90
CA ASN C 57 27.52 5.11 -15.10
C ASN C 57 27.74 4.26 -13.88
N LEU C 58 28.95 3.77 -13.74
CA LEU C 58 29.33 2.95 -12.63
C LEU C 58 29.70 3.81 -11.43
N GLU C 59 29.06 3.53 -10.31
CA GLU C 59 29.38 4.19 -9.04
C GLU C 59 30.78 3.78 -8.61
N SER C 60 31.53 4.71 -8.04
CA SER C 60 32.90 4.41 -7.62
C SER C 60 32.89 3.52 -6.37
N GLY C 61 33.72 2.47 -6.38
CA GLY C 61 33.76 1.48 -5.32
C GLY C 61 33.08 0.16 -5.71
N ILE C 62 32.55 0.11 -6.91
CA ILE C 62 31.79 -1.04 -7.40
C ILE C 62 32.59 -1.78 -8.47
N PRO C 63 32.72 -3.11 -8.34
CA PRO C 63 33.46 -3.88 -9.35
C PRO C 63 32.96 -3.70 -10.78
N VAL C 64 33.88 -3.66 -11.75
CA VAL C 64 33.55 -3.46 -13.18
C VAL C 64 32.66 -4.56 -13.79
N ARG C 65 32.46 -5.64 -13.05
CA ARG C 65 31.57 -6.71 -13.50
C ARG C 65 30.13 -6.25 -13.65
N PHE C 66 29.84 -5.07 -13.09
CA PHE C 66 28.51 -4.46 -13.24
C PHE C 66 28.52 -3.42 -14.34
N SER C 67 27.44 -3.38 -15.13
CA SER C 67 27.29 -2.41 -16.19
C SER C 67 25.83 -2.24 -16.55
N GLY C 68 25.49 -1.08 -17.07
CA GLY C 68 24.11 -0.79 -17.44
C GLY C 68 24.01 -0.15 -18.82
N SER C 69 22.88 -0.43 -19.45
CA SER C 69 22.61 0.06 -20.80
C SER C 69 21.10 0.29 -20.96
N GLY C 70 20.77 1.16 -21.90
CA GLY C 70 19.39 1.36 -22.30
C GLY C 70 19.09 2.83 -22.45
N SER C 71 17.86 3.09 -22.88
CA SER C 71 17.40 4.45 -23.12
C SER C 71 15.89 4.45 -23.13
N ARG C 72 15.32 5.63 -22.91
CA ARG C 72 13.87 5.85 -23.12
C ARG C 72 13.02 5.08 -22.10
N THR C 73 12.47 3.92 -22.49
CA THR C 73 11.65 3.12 -21.59
C THR C 73 12.19 1.68 -21.37
N ASP C 74 13.40 1.40 -21.89
CA ASP C 74 13.98 0.05 -21.80
C ASP C 74 15.43 0.06 -21.36
N PHE C 75 15.68 -0.56 -20.20
CA PHE C 75 16.99 -0.53 -19.56
C PHE C 75 17.37 -1.90 -19.07
N THR C 76 18.67 -2.16 -19.04
CA THR C 76 19.18 -3.43 -18.56
C THR C 76 20.36 -3.25 -17.60
N LEU C 77 20.48 -4.17 -16.67
CA LEU C 77 21.67 -4.31 -15.86
C LEU C 77 22.35 -5.61 -16.24
N THR C 78 23.66 -5.56 -16.43
CA THR C 78 24.41 -6.75 -16.78
C THR C 78 25.40 -7.04 -15.67
N ILE C 79 25.49 -8.31 -15.29
CA ILE C 79 26.53 -8.78 -14.37
C ILE C 79 27.33 -9.89 -15.04
N ASN C 80 28.63 -9.68 -15.16
CA ASN C 80 29.50 -10.55 -15.94
C ASN C 80 30.92 -10.32 -15.52
N PRO C 81 31.59 -11.30 -14.91
CA PRO C 81 31.02 -12.59 -14.56
C PRO C 81 30.36 -12.60 -13.19
N VAL C 82 29.28 -13.36 -13.04
CA VAL C 82 28.59 -13.51 -11.75
C VAL C 82 29.45 -14.23 -10.69
N GLU C 83 29.36 -13.77 -9.44
CA GLU C 83 30.04 -14.41 -8.30
C GLU C 83 29.08 -14.76 -7.19
N ALA C 84 29.54 -15.59 -6.25
CA ALA C 84 28.73 -16.01 -5.10
C ALA C 84 28.16 -14.83 -4.32
N ASP C 85 28.97 -13.78 -4.17
CA ASP C 85 28.59 -12.63 -3.34
C ASP C 85 27.58 -11.68 -4.02
N ASP C 86 27.05 -12.06 -5.18
CA ASP C 86 26.12 -11.22 -5.92
C ASP C 86 24.67 -11.65 -5.75
N VAL C 87 24.44 -12.67 -4.92
CA VAL C 87 23.08 -13.00 -4.44
C VAL C 87 22.46 -11.80 -3.74
N ALA C 88 21.31 -11.35 -4.26
CA ALA C 88 20.71 -10.11 -3.83
C ALA C 88 19.42 -9.88 -4.57
N THR C 89 18.70 -8.84 -4.19
CA THR C 89 17.58 -8.36 -4.98
C THR C 89 17.99 -7.04 -5.63
N TYR C 90 17.67 -6.88 -6.91
CA TYR C 90 18.11 -5.71 -7.67
C TYR C 90 16.89 -4.93 -8.05
N TYR C 91 16.99 -3.62 -7.87
CA TYR C 91 15.86 -2.72 -8.11
C TYR C 91 16.30 -1.68 -9.08
N CYS C 92 15.38 -1.28 -9.93
CA CYS C 92 15.57 -0.14 -10.79
C CYS C 92 14.74 1.02 -10.22
N GLN C 93 15.20 2.23 -10.46
CA GLN C 93 14.51 3.42 -10.01
C GLN C 93 14.61 4.52 -11.07
N GLN C 94 13.53 5.29 -11.24
CA GLN C 94 13.56 6.46 -12.07
C GLN C 94 13.42 7.73 -11.22
N SER C 95 14.15 8.78 -11.62
CA SER C 95 14.09 10.07 -10.93
C SER C 95 13.71 11.20 -11.88
N ASN C 96 13.17 10.86 -13.05
CA ASN C 96 12.86 11.86 -14.05
C ASN C 96 11.64 12.72 -13.67
N GLU C 97 10.63 12.09 -13.09
CA GLU C 97 9.36 12.76 -12.81
C GLU C 97 8.90 12.38 -11.41
N ASP C 98 8.58 13.39 -10.60
CA ASP C 98 8.18 13.15 -9.21
C ASP C 98 6.74 12.66 -9.20
N PRO C 99 6.39 11.64 -8.40
CA PRO C 99 7.30 10.96 -7.47
C PRO C 99 8.31 10.04 -8.12
N ARG C 100 9.50 9.94 -7.53
CA ARG C 100 10.42 8.88 -7.92
C ARG C 100 9.84 7.53 -7.45
N THR C 101 10.09 6.49 -8.22
CA THR C 101 9.44 5.20 -8.06
C THR C 101 10.44 4.11 -8.37
N PHE C 102 10.15 2.94 -7.84
CA PHE C 102 11.05 1.82 -7.84
C PHE C 102 10.37 0.65 -8.50
N GLY C 103 11.13 -0.16 -9.22
CA GLY C 103 10.59 -1.41 -9.68
C GLY C 103 10.37 -2.32 -8.51
N GLY C 104 9.62 -3.39 -8.75
CA GLY C 104 9.33 -4.42 -7.74
C GLY C 104 10.49 -5.33 -7.44
N GLY C 105 11.59 -5.15 -8.16
CA GLY C 105 12.81 -5.91 -7.85
C GLY C 105 12.90 -7.26 -8.54
N THR C 106 14.13 -7.74 -8.68
CA THR C 106 14.44 -9.01 -9.31
C THR C 106 15.43 -9.75 -8.41
N LYS C 107 15.09 -10.97 -8.06
CA LYS C 107 15.89 -11.79 -7.16
C LYS C 107 16.90 -12.60 -7.97
N LEU C 108 18.19 -12.38 -7.72
CA LEU C 108 19.24 -13.17 -8.35
C LEU C 108 19.66 -14.34 -7.47
N GLU C 109 19.50 -15.55 -7.98
CA GLU C 109 19.90 -16.77 -7.33
C GLU C 109 20.96 -17.48 -8.15
N ILE C 110 21.80 -18.23 -7.47
CA ILE C 110 22.88 -18.98 -8.09
C ILE C 110 22.50 -20.45 -8.29
N LYS C 111 22.88 -21.02 -9.42
CA LYS C 111 22.83 -22.45 -9.60
C LYS C 111 24.14 -23.04 -9.15
N ARG C 112 24.04 -24.21 -8.52
CA ARG C 112 25.22 -24.94 -8.12
C ARG C 112 24.87 -26.43 -8.01
N ALA C 113 25.84 -27.22 -7.57
CA ALA C 113 25.64 -28.62 -7.35
C ALA C 113 24.61 -28.86 -6.24
N ASP C 114 23.85 -29.93 -6.37
CA ASP C 114 23.00 -30.41 -5.30
C ASP C 114 23.81 -30.66 -4.01
N ALA C 115 23.23 -30.32 -2.86
CA ALA C 115 23.84 -30.63 -1.56
C ALA C 115 22.80 -31.05 -0.54
N ALA C 116 23.10 -32.11 0.20
CA ALA C 116 22.19 -32.64 1.19
C ALA C 116 22.28 -31.84 2.49
N PRO C 117 21.17 -31.74 3.24
CA PRO C 117 21.19 -30.96 4.48
C PRO C 117 21.83 -31.67 5.64
N THR C 118 22.47 -30.88 6.50
CA THR C 118 22.87 -31.30 7.82
C THR C 118 21.69 -31.02 8.70
N VAL C 119 21.21 -32.04 9.40
CA VAL C 119 20.00 -31.94 10.21
C VAL C 119 20.35 -32.14 11.69
N SER C 120 19.78 -31.29 12.54
CA SER C 120 20.04 -31.32 13.97
C SER C 120 18.72 -31.13 14.65
N ILE C 121 18.49 -31.87 15.74
CA ILE C 121 17.23 -31.77 16.45
C ILE C 121 17.53 -31.36 17.87
N PHE C 122 16.69 -30.52 18.46
CA PHE C 122 16.96 -29.99 19.79
C PHE C 122 15.74 -30.15 20.67
N PRO C 123 15.89 -30.92 21.78
CA PRO C 123 14.78 -31.03 22.67
C PRO C 123 14.55 -29.72 23.38
N PRO C 124 13.51 -29.65 24.17
CA PRO C 124 13.24 -28.42 24.87
C PRO C 124 14.32 -28.15 25.88
N SER C 125 14.61 -26.87 26.13
CA SER C 125 15.50 -26.51 27.24
C SER C 125 14.74 -26.67 28.55
N SER C 126 15.47 -27.03 29.60
CA SER C 126 14.84 -27.24 30.89
C SER C 126 14.32 -25.93 31.49
N GLU C 127 14.93 -24.82 31.10
CA GLU C 127 14.44 -23.51 31.51
C GLU C 127 13.10 -23.19 30.87
N GLN C 128 12.91 -23.62 29.63
CA GLN C 128 11.63 -23.45 28.98
C GLN C 128 10.58 -24.35 29.64
N LEU C 129 10.96 -25.59 29.95
CA LEU C 129 10.06 -26.52 30.63
C LEU C 129 9.52 -25.96 31.94
N THR C 130 10.40 -25.39 32.77
CA THR C 130 9.96 -24.79 34.04
C THR C 130 8.81 -23.77 33.86
N SER C 131 8.80 -23.03 32.77
CA SER C 131 7.75 -22.04 32.52
C SER C 131 6.53 -22.57 31.74
N GLY C 132 6.44 -23.89 31.53
CA GLY C 132 5.24 -24.51 30.93
C GLY C 132 5.16 -24.64 29.41
N GLY C 133 6.20 -24.21 28.70
CA GLY C 133 6.30 -24.36 27.24
C GLY C 133 7.24 -25.49 26.87
N ALA C 134 7.10 -26.00 25.65
CA ALA C 134 8.08 -26.94 25.11
C ALA C 134 8.14 -26.88 23.58
N SER C 135 9.24 -26.32 23.08
CA SER C 135 9.48 -26.22 21.65
C SER C 135 10.50 -27.26 21.30
N VAL C 136 10.32 -27.94 20.19
CA VAL C 136 11.33 -28.82 19.68
C VAL C 136 11.74 -28.21 18.36
N VAL C 137 13.05 -28.09 18.18
CA VAL C 137 13.59 -27.36 17.07
C VAL C 137 14.46 -28.25 16.23
N CYS C 138 14.31 -28.10 14.93
CA CYS C 138 15.07 -28.86 13.95
C CYS C 138 15.68 -27.89 12.95
N PHE C 139 17.00 -27.91 12.83
CA PHE C 139 17.69 -27.12 11.79
C PHE C 139 18.04 -28.04 10.65
N LEU C 140 17.80 -27.55 9.43
CA LEU C 140 18.24 -28.23 8.23
C LEU C 140 19.12 -27.28 7.48
N ASN C 141 20.43 -27.43 7.64
CA ASN C 141 21.38 -26.46 7.14
C ASN C 141 22.13 -26.84 5.86
N ASN C 142 22.33 -25.84 5.00
CA ASN C 142 23.30 -25.91 3.88
C ASN C 142 22.98 -26.93 2.80
N PHE C 143 21.78 -26.80 2.27
CA PHE C 143 21.32 -27.67 1.22
C PHE C 143 21.11 -26.90 -0.07
N TYR C 144 21.14 -27.63 -1.18
CA TYR C 144 20.74 -27.12 -2.48
C TYR C 144 20.13 -28.28 -3.27
N PRO C 145 19.00 -28.07 -3.97
CA PRO C 145 18.30 -26.80 -4.17
C PRO C 145 17.31 -26.41 -3.06
N LYS C 146 16.62 -25.29 -3.25
CA LYS C 146 15.75 -24.65 -2.25
C LYS C 146 14.58 -25.51 -1.74
N ASP C 147 14.02 -26.34 -2.62
CA ASP C 147 12.75 -27.03 -2.35
C ASP C 147 13.06 -28.19 -1.41
N ILE C 148 12.25 -28.34 -0.36
CA ILE C 148 12.51 -29.33 0.66
C ILE C 148 11.26 -29.51 1.50
N ASN C 149 11.07 -30.69 2.07
CA ASN C 149 9.85 -30.94 2.82
C ASN C 149 10.20 -31.55 4.16
N VAL C 150 9.54 -31.04 5.19
CA VAL C 150 9.83 -31.47 6.54
C VAL C 150 8.56 -31.97 7.17
N LYS C 151 8.72 -33.05 7.90
CA LYS C 151 7.60 -33.76 8.50
C LYS C 151 7.97 -34.05 9.95
N TRP C 152 7.07 -33.75 10.85
CA TRP C 152 7.25 -34.14 12.25
C TRP C 152 6.47 -35.41 12.54
N LYS C 153 7.04 -36.25 13.40
CA LYS C 153 6.37 -37.47 13.82
C LYS C 153 6.49 -37.62 15.31
N ILE C 154 5.35 -37.70 15.96
CA ILE C 154 5.30 -37.97 17.37
C ILE C 154 4.78 -39.40 17.53
N ASP C 155 5.54 -40.21 18.26
CA ASP C 155 5.23 -41.64 18.41
C ASP C 155 4.66 -42.21 17.11
N GLY C 156 5.42 -42.11 16.02
CA GLY C 156 5.04 -42.64 14.70
C GLY C 156 4.10 -41.79 13.86
N SER C 157 3.27 -40.97 14.50
CA SER C 157 2.21 -40.25 13.79
C SER C 157 2.65 -38.87 13.31
N GLU C 158 2.35 -38.60 12.04
CA GLU C 158 2.65 -37.31 11.44
C GLU C 158 1.93 -36.19 12.15
N ARG C 159 2.65 -35.09 12.34
CA ARG C 159 2.15 -34.00 13.15
C ARG C 159 1.59 -32.89 12.28
N GLN C 160 0.33 -32.56 12.51
CA GLN C 160 -0.37 -31.64 11.64
C GLN C 160 -0.09 -30.22 12.13
N ASN C 161 -0.51 -29.98 13.37
CA ASN C 161 -0.52 -28.63 13.95
C ASN C 161 0.64 -28.33 14.91
N GLY C 162 0.94 -27.03 15.00
CA GLY C 162 1.92 -26.50 15.95
C GLY C 162 3.32 -26.36 15.39
N VAL C 163 3.43 -26.33 14.06
CA VAL C 163 4.70 -26.38 13.36
C VAL C 163 4.89 -25.09 12.60
N LEU C 164 6.00 -24.43 12.86
CA LEU C 164 6.34 -23.22 12.14
C LEU C 164 7.71 -23.37 11.50
N ASN C 165 7.76 -22.99 10.24
CA ASN C 165 8.97 -23.10 9.44
C ASN C 165 9.48 -21.75 8.97
N SER C 166 10.77 -21.65 8.76
CA SER C 166 11.38 -20.42 8.25
C SER C 166 12.64 -20.77 7.43
N TRP C 167 12.86 -20.03 6.36
CA TRP C 167 13.95 -20.31 5.41
C TRP C 167 14.84 -19.08 5.31
N THR C 168 16.16 -19.30 5.32
CA THR C 168 17.11 -18.26 5.04
C THR C 168 17.09 -17.90 3.57
N ASP C 169 17.66 -16.74 3.24
CA ASP C 169 17.96 -16.41 1.85
C ASP C 169 19.19 -17.20 1.49
N GLN C 170 19.49 -17.26 0.20
CA GLN C 170 20.65 -18.03 -0.26
C GLN C 170 21.93 -17.45 0.33
N ASP C 171 22.82 -18.33 0.77
CA ASP C 171 24.07 -17.94 1.39
C ASP C 171 25.03 -17.28 0.42
N SER C 172 25.83 -16.36 0.94
CA SER C 172 26.71 -15.56 0.14
C SER C 172 28.03 -16.24 -0.14
N LYS C 173 28.38 -17.24 0.67
CA LYS C 173 29.66 -17.94 0.57
C LYS C 173 29.56 -19.23 -0.25
N ASP C 174 28.71 -20.15 0.20
CA ASP C 174 28.57 -21.46 -0.44
C ASP C 174 27.30 -21.61 -1.28
N SER C 175 26.50 -20.55 -1.39
CA SER C 175 25.29 -20.55 -2.21
C SER C 175 24.23 -21.58 -1.80
N THR C 176 24.26 -22.05 -0.55
CA THR C 176 23.28 -23.00 -0.07
C THR C 176 22.12 -22.28 0.66
N TYR C 177 21.10 -23.07 0.99
CA TYR C 177 19.96 -22.63 1.76
C TYR C 177 19.97 -23.28 3.13
N SER C 178 19.23 -22.68 4.06
CA SER C 178 18.99 -23.30 5.34
C SER C 178 17.57 -23.11 5.78
N MET C 179 17.11 -24.01 6.65
CA MET C 179 15.80 -23.85 7.25
C MET C 179 15.72 -24.35 8.68
N SER C 180 14.82 -23.74 9.44
CA SER C 180 14.49 -24.21 10.77
C SER C 180 13.03 -24.58 10.79
N SER C 181 12.71 -25.59 11.57
CA SER C 181 11.33 -25.99 11.80
C SER C 181 11.14 -26.17 13.28
N THR C 182 10.15 -25.50 13.84
CA THR C 182 9.89 -25.55 15.28
C THR C 182 8.51 -26.11 15.55
N LEU C 183 8.46 -27.11 16.41
CA LEU C 183 7.21 -27.69 16.82
C LEU C 183 6.92 -27.16 18.23
N THR C 184 5.91 -26.33 18.39
CA THR C 184 5.66 -25.69 19.68
C THR C 184 4.53 -26.42 20.41
N LEU C 185 4.78 -26.80 21.66
CA LEU C 185 3.82 -27.57 22.46
C LEU C 185 3.75 -26.95 23.84
N THR C 186 2.92 -27.53 24.71
CA THR C 186 3.00 -27.28 26.15
C THR C 186 3.76 -28.40 26.85
N LYS C 187 4.25 -28.13 28.06
CA LYS C 187 4.92 -29.16 28.86
C LYS C 187 4.02 -30.40 29.01
N ASP C 188 2.79 -30.14 29.42
CA ASP C 188 1.75 -31.14 29.51
C ASP C 188 1.76 -32.09 28.33
N GLU C 189 1.53 -31.57 27.13
CA GLU C 189 1.52 -32.44 25.94
C GLU C 189 2.86 -33.06 25.67
N TYR C 190 3.91 -32.28 25.85
CA TYR C 190 5.24 -32.78 25.60
C TYR C 190 5.51 -34.06 26.44
N GLU C 191 5.05 -34.08 27.68
CA GLU C 191 5.32 -35.20 28.59
C GLU C 191 4.53 -36.47 28.26
N ARG C 192 3.43 -36.33 27.53
CA ARG C 192 2.60 -37.47 27.18
C ARG C 192 3.21 -38.39 26.14
N HIS C 193 4.07 -37.87 25.28
CA HIS C 193 4.66 -38.68 24.22
C HIS C 193 6.15 -38.90 24.47
N ASN C 194 6.71 -39.90 23.80
CA ASN C 194 8.10 -40.25 24.00
C ASN C 194 8.99 -39.92 22.80
N SER C 195 8.53 -40.27 21.61
CA SER C 195 9.36 -40.21 20.44
C SER C 195 9.05 -38.97 19.61
N TYR C 196 10.04 -38.09 19.42
CA TYR C 196 9.90 -36.89 18.58
C TYR C 196 10.92 -36.92 17.44
N THR C 197 10.43 -36.74 16.22
CA THR C 197 11.26 -36.90 15.05
C THR C 197 11.00 -35.85 13.97
N CYS C 198 12.05 -35.32 13.34
CA CYS C 198 11.87 -34.51 12.12
C CYS C 198 12.46 -35.32 10.98
N GLU C 199 11.70 -35.39 9.90
CA GLU C 199 12.11 -36.09 8.68
C GLU C 199 12.16 -35.11 7.51
N ALA C 200 13.34 -35.01 6.93
CA ALA C 200 13.54 -34.15 5.78
C ALA C 200 13.61 -34.96 4.50
N THR C 201 12.88 -34.47 3.51
CA THR C 201 12.81 -35.08 2.20
C THR C 201 13.27 -34.04 1.20
N HIS C 202 14.22 -34.45 0.37
CA HIS C 202 14.95 -33.53 -0.48
C HIS C 202 15.49 -34.23 -1.75
N LYS C 203 15.47 -33.51 -2.88
CA LYS C 203 15.97 -34.01 -4.18
C LYS C 203 17.25 -34.85 -4.08
N THR C 204 18.14 -34.39 -3.22
CA THR C 204 19.42 -35.05 -3.00
C THR C 204 19.34 -36.59 -2.80
N SER C 205 18.20 -37.10 -2.33
CA SER C 205 17.96 -38.53 -2.09
C SER C 205 16.49 -38.86 -1.77
N THR C 206 16.07 -40.07 -2.16
CA THR C 206 14.70 -40.54 -1.93
C THR C 206 14.50 -41.04 -0.50
N SER C 207 15.58 -41.55 0.10
CA SER C 207 15.57 -41.94 1.52
C SER C 207 15.52 -40.70 2.40
N PRO C 208 14.37 -40.43 3.05
CA PRO C 208 14.33 -39.27 3.93
C PRO C 208 15.46 -39.27 4.96
N ILE C 209 15.88 -38.08 5.40
CA ILE C 209 16.85 -37.96 6.49
C ILE C 209 16.11 -37.76 7.81
N VAL C 210 16.37 -38.65 8.75
CA VAL C 210 15.61 -38.71 9.98
C VAL C 210 16.53 -38.31 11.12
N LYS C 211 16.09 -37.36 11.93
CA LYS C 211 16.73 -37.10 13.21
C LYS C 211 15.65 -37.24 14.25
N SER C 212 16.03 -37.81 15.38
CA SER C 212 15.06 -38.21 16.37
C SER C 212 15.59 -38.07 17.77
N PHE C 213 14.69 -37.94 18.71
CA PHE C 213 15.08 -38.21 20.08
C PHE C 213 13.91 -38.74 20.90
N ASN C 214 14.28 -39.64 21.82
CA ASN C 214 13.34 -40.21 22.75
C ASN C 214 13.49 -39.48 24.03
N ARG C 215 12.36 -39.05 24.57
CA ARG C 215 12.34 -38.30 25.81
C ARG C 215 12.72 -39.15 27.04
N ASN C 216 12.64 -40.48 26.94
CA ASN C 216 13.24 -41.33 27.97
C ASN C 216 14.78 -41.33 27.98
N GLU C 217 15.37 -41.01 26.82
CA GLU C 217 16.83 -40.93 26.61
C GLU C 217 17.45 -42.30 26.39
N GLU D 1 34.96 8.76 6.28
CA GLU D 1 33.91 7.73 6.49
C GLU D 1 32.55 8.39 6.48
N VAL D 2 31.85 8.25 5.37
CA VAL D 2 30.46 8.66 5.28
C VAL D 2 29.63 7.75 6.20
N LYS D 3 28.79 8.37 7.03
CA LYS D 3 27.84 7.62 7.83
C LYS D 3 26.48 8.33 7.93
N LEU D 4 25.42 7.54 7.95
CA LEU D 4 24.08 8.01 8.21
C LEU D 4 23.49 7.08 9.25
N VAL D 5 23.14 7.61 10.41
CA VAL D 5 22.68 6.78 11.50
C VAL D 5 21.29 7.21 11.88
N GLU D 6 20.29 6.41 11.49
CA GLU D 6 18.91 6.71 11.81
C GLU D 6 18.58 6.26 13.21
N SER D 7 17.63 6.95 13.81
CA SER D 7 17.10 6.55 15.09
C SER D 7 15.73 7.21 15.26
N GLY D 8 15.03 6.83 16.32
CA GLY D 8 13.68 7.34 16.57
C GLY D 8 12.60 6.33 16.28
N GLY D 9 12.98 5.21 15.66
CA GLY D 9 12.04 4.17 15.32
C GLY D 9 11.48 3.46 16.52
N ASP D 10 10.18 3.29 16.56
CA ASP D 10 9.55 2.67 17.69
C ASP D 10 8.20 2.08 17.32
N LEU D 11 7.66 1.32 18.26
CA LEU D 11 6.28 0.91 18.23
C LEU D 11 5.36 2.10 18.57
N VAL D 12 4.41 2.42 17.70
CA VAL D 12 3.48 3.54 17.87
C VAL D 12 2.05 3.05 17.67
N LYS D 13 1.11 3.69 18.35
CA LYS D 13 -0.29 3.34 18.19
C LYS D 13 -0.89 4.01 16.97
N PRO D 14 -1.93 3.40 16.38
CA PRO D 14 -2.56 4.02 15.21
C PRO D 14 -3.06 5.42 15.52
N GLY D 15 -2.99 6.30 14.53
CA GLY D 15 -3.36 7.70 14.68
C GLY D 15 -2.29 8.51 15.39
N GLY D 16 -1.26 7.84 15.89
CA GLY D 16 -0.20 8.48 16.66
C GLY D 16 0.84 9.20 15.81
N SER D 17 1.90 9.65 16.49
CA SER D 17 2.93 10.48 15.89
C SER D 17 4.33 10.03 16.28
N LEU D 18 5.32 10.42 15.49
CA LEU D 18 6.69 9.99 15.75
C LEU D 18 7.62 10.90 15.00
N LYS D 19 8.82 11.09 15.54
CA LYS D 19 9.86 11.84 14.87
C LYS D 19 11.09 11.00 14.65
N LEU D 20 11.51 10.82 13.40
CA LEU D 20 12.73 10.08 13.09
C LEU D 20 13.89 11.04 12.88
N SER D 21 15.10 10.54 13.08
CA SER D 21 16.31 11.33 12.98
C SER D 21 17.37 10.59 12.22
N CYS D 22 18.17 11.35 11.49
CA CYS D 22 19.34 10.79 10.88
C CYS D 22 20.53 11.71 11.17
N ALA D 23 21.52 11.21 11.90
CA ALA D 23 22.75 11.93 12.13
C ALA D 23 23.70 11.61 11.00
N ALA D 24 24.10 12.63 10.25
CA ALA D 24 25.10 12.46 9.21
C ALA D 24 26.49 12.84 9.72
N SER D 25 27.50 12.27 9.09
CA SER D 25 28.87 12.60 9.40
C SER D 25 29.78 12.14 8.28
N GLY D 26 30.91 12.83 8.14
CA GLY D 26 31.97 12.44 7.21
C GLY D 26 31.84 13.01 5.81
N PHE D 27 30.95 13.99 5.67
CA PHE D 27 30.78 14.65 4.37
C PHE D 27 30.00 15.92 4.62
N SER D 28 29.97 16.79 3.62
CA SER D 28 29.34 18.10 3.78
C SER D 28 27.85 17.93 3.67
N PHE D 29 27.17 17.92 4.80
CA PHE D 29 25.73 17.71 4.83
C PHE D 29 25.01 18.62 3.83
N SER D 30 25.35 19.90 3.83
CA SER D 30 24.58 20.91 3.08
C SER D 30 24.90 21.00 1.59
N SER D 31 25.73 20.10 1.08
CA SER D 31 26.00 20.01 -0.36
C SER D 31 25.17 18.94 -1.03
N HIS D 32 24.24 18.35 -0.29
CA HIS D 32 23.51 17.18 -0.78
C HIS D 32 22.02 17.22 -0.46
N GLY D 33 21.21 16.89 -1.46
CA GLY D 33 19.81 16.54 -1.22
C GLY D 33 19.72 15.27 -0.38
N MET D 34 18.65 15.17 0.40
CA MET D 34 18.42 14.00 1.24
C MET D 34 17.02 13.50 1.02
N SER D 35 16.85 12.18 1.12
CA SER D 35 15.51 11.57 1.05
C SER D 35 15.29 10.57 2.14
N TRP D 36 14.02 10.39 2.49
CA TRP D 36 13.57 9.23 3.23
C TRP D 36 12.92 8.25 2.27
N VAL D 37 13.20 6.98 2.48
CA VAL D 37 12.66 5.90 1.67
C VAL D 37 12.23 4.82 2.64
N ARG D 38 11.04 4.25 2.48
CA ARG D 38 10.65 3.11 3.32
C ARG D 38 10.55 1.78 2.60
N GLN D 39 10.79 0.73 3.36
CA GLN D 39 10.66 -0.63 2.89
C GLN D 39 9.65 -1.37 3.75
N THR D 40 8.58 -1.82 3.12
CA THR D 40 7.48 -2.52 3.79
C THR D 40 7.85 -3.97 3.98
N PRO D 41 7.05 -4.74 4.76
CA PRO D 41 7.52 -6.08 5.15
C PRO D 41 7.56 -7.08 4.00
N ASP D 42 6.77 -6.83 2.96
CA ASP D 42 6.86 -7.61 1.71
C ASP D 42 7.95 -7.11 0.75
N LYS D 43 8.70 -6.09 1.14
CA LYS D 43 9.95 -5.68 0.48
C LYS D 43 9.86 -4.65 -0.63
N ARG D 44 8.66 -4.18 -0.95
CA ARG D 44 8.55 -3.05 -1.88
C ARG D 44 9.34 -1.85 -1.31
N LEU D 45 9.98 -1.10 -2.19
CA LEU D 45 10.65 0.14 -1.79
C LEU D 45 9.80 1.29 -2.24
N GLU D 46 9.57 2.24 -1.34
CA GLU D 46 8.73 3.38 -1.64
C GLU D 46 9.42 4.65 -1.19
N TRP D 47 9.76 5.49 -2.15
CA TRP D 47 10.27 6.80 -1.81
C TRP D 47 9.17 7.60 -1.14
N VAL D 48 9.52 8.31 -0.09
CA VAL D 48 8.56 8.98 0.78
C VAL D 48 8.62 10.50 0.66
N ALA D 49 9.81 11.07 0.80
CA ALA D 49 9.95 12.53 0.84
C ALA D 49 11.39 12.93 0.55
N LEU D 50 11.55 14.13 0.00
CA LEU D 50 12.88 14.63 -0.35
C LEU D 50 13.00 16.03 0.14
N ILE D 51 14.24 16.45 0.44
CA ILE D 51 14.52 17.83 0.82
C ILE D 51 15.80 18.33 0.17
N SER D 52 15.76 19.57 -0.32
CA SER D 52 16.88 20.18 -1.04
C SER D 52 18.02 20.54 -0.09
N ARG D 53 19.19 20.80 -0.68
CA ARG D 53 20.40 21.13 0.07
C ARG D 53 20.15 22.21 1.11
N GLY D 54 19.42 23.25 0.70
CA GLY D 54 19.13 24.39 1.56
C GLY D 54 18.06 24.12 2.60
N GLY D 55 17.10 23.26 2.28
CA GLY D 55 15.97 23.00 3.17
C GLY D 55 14.79 23.86 2.82
N SER D 56 14.92 24.61 1.73
CA SER D 56 13.86 25.49 1.25
C SER D 56 12.77 24.70 0.51
N TYR D 57 13.19 23.72 -0.31
CA TYR D 57 12.26 22.97 -1.14
C TYR D 57 12.10 21.52 -0.68
N THR D 58 10.85 21.07 -0.56
CA THR D 58 10.52 19.71 -0.13
C THR D 58 9.49 19.12 -1.05
N TYR D 59 9.48 17.81 -1.19
CA TYR D 59 8.56 17.11 -2.09
C TYR D 59 8.17 15.79 -1.44
N TYR D 60 6.89 15.41 -1.51
CA TYR D 60 6.40 14.21 -0.80
C TYR D 60 5.72 13.24 -1.74
N SER D 61 5.67 11.97 -1.36
CA SER D 61 4.82 10.99 -2.07
C SER D 61 3.35 11.19 -1.72
N ASP D 62 2.50 10.62 -2.57
CA ASP D 62 1.03 10.76 -2.47
C ASP D 62 0.48 10.23 -1.15
N SER D 63 1.02 9.09 -0.74
CA SER D 63 0.53 8.40 0.44
C SER D 63 0.88 9.10 1.76
N VAL D 64 1.87 9.98 1.77
CA VAL D 64 2.28 10.65 3.01
C VAL D 64 2.01 12.16 3.02
N LYS D 65 1.56 12.70 1.90
CA LYS D 65 1.30 14.12 1.85
C LYS D 65 0.29 14.53 2.93
N GLY D 66 0.49 15.72 3.48
CA GLY D 66 -0.43 16.29 4.47
C GLY D 66 -0.41 15.60 5.82
N ARG D 67 0.49 14.63 5.99
CA ARG D 67 0.63 13.87 7.23
C ARG D 67 2.07 13.85 7.72
N PHE D 68 3.02 13.80 6.79
CA PHE D 68 4.45 13.72 7.11
C PHE D 68 5.13 15.03 6.79
N THR D 69 6.20 15.34 7.53
CA THR D 69 6.94 16.56 7.32
C THR D 69 8.43 16.26 7.38
N ILE D 70 9.16 16.55 6.31
CA ILE D 70 10.62 16.38 6.27
C ILE D 70 11.30 17.71 6.55
N SER D 71 12.42 17.70 7.25
CA SER D 71 13.14 18.93 7.60
C SER D 71 14.60 18.60 7.89
N ARG D 72 15.45 19.62 7.78
CA ARG D 72 16.87 19.45 8.07
C ARG D 72 17.42 20.62 8.87
N ASP D 73 18.36 20.32 9.76
CA ASP D 73 19.15 21.29 10.50
C ASP D 73 20.58 21.13 10.01
N ASN D 74 20.98 21.99 9.08
CA ASN D 74 22.34 21.91 8.52
C ASN D 74 23.48 22.17 9.52
N ALA D 75 23.19 22.94 10.57
CA ALA D 75 24.12 23.12 11.68
C ALA D 75 24.41 21.84 12.46
N LYS D 76 23.40 20.99 12.64
CA LYS D 76 23.54 19.76 13.44
C LYS D 76 23.84 18.50 12.62
N ASN D 77 24.00 18.63 11.30
CA ASN D 77 24.15 17.47 10.42
C ASN D 77 23.08 16.41 10.66
N THR D 78 21.85 16.87 10.78
CA THR D 78 20.73 16.02 11.13
C THR D 78 19.57 16.22 10.14
N LEU D 79 18.97 15.10 9.74
CA LEU D 79 17.76 15.05 8.90
C LEU D 79 16.61 14.48 9.74
N TYR D 80 15.41 15.01 9.56
CA TYR D 80 14.26 14.66 10.41
C TYR D 80 13.09 14.23 9.56
N LEU D 81 12.28 13.33 10.11
CA LEU D 81 10.99 13.06 9.52
C LEU D 81 9.92 13.06 10.59
N GLN D 82 8.99 14.01 10.49
CA GLN D 82 7.89 14.12 11.41
C GLN D 82 6.69 13.37 10.81
N MET D 83 6.24 12.34 11.50
CA MET D 83 5.13 11.56 11.03
C MET D 83 3.95 11.82 11.97
N SER D 84 2.77 12.01 11.38
CA SER D 84 1.54 12.15 12.14
C SER D 84 0.41 11.38 11.46
N GLY D 85 -0.63 11.06 12.21
CA GLY D 85 -1.81 10.38 11.67
C GLY D 85 -1.50 9.01 11.11
N LEU D 86 -0.73 8.24 11.88
CA LEU D 86 -0.11 7.02 11.41
C LEU D 86 -1.10 5.88 11.22
N ARG D 87 -0.98 5.20 10.08
CA ARG D 87 -1.76 4.00 9.77
C ARG D 87 -0.85 2.77 9.74
N SER D 88 -1.48 1.63 9.61
CA SER D 88 -0.79 0.34 9.52
C SER D 88 0.08 0.22 8.26
N GLU D 89 -0.41 0.72 7.13
CA GLU D 89 0.40 0.91 5.91
C GLU D 89 1.82 1.46 6.20
N ASP D 90 1.88 2.43 7.11
CA ASP D 90 3.13 3.13 7.41
C ASP D 90 4.16 2.28 8.16
N THR D 91 3.80 1.06 8.59
CA THR D 91 4.78 0.13 9.20
C THR D 91 5.85 -0.22 8.16
N ALA D 92 7.10 0.08 8.48
CA ALA D 92 8.18 -0.17 7.54
C ALA D 92 9.53 0.09 8.16
N ILE D 93 10.57 -0.28 7.43
CA ILE D 93 11.91 0.18 7.75
C ILE D 93 12.13 1.51 7.00
N TYR D 94 12.49 2.56 7.73
CA TYR D 94 12.74 3.87 7.13
C TYR D 94 14.23 4.13 7.03
N TYR D 95 14.67 4.35 5.81
CA TYR D 95 16.05 4.67 5.50
C TYR D 95 16.22 6.14 5.19
N CYS D 96 17.30 6.75 5.69
CA CYS D 96 17.73 8.06 5.19
C CYS D 96 18.67 7.77 4.04
N THR D 97 18.57 8.55 3.00
CA THR D 97 19.50 8.44 1.89
C THR D 97 20.12 9.79 1.50
N ARG D 98 21.36 9.74 1.06
CA ARG D 98 21.98 10.91 0.49
C ARG D 98 21.95 10.84 -1.02
N HIS D 99 21.54 11.93 -1.64
CA HIS D 99 21.61 12.06 -3.09
C HIS D 99 23.01 12.38 -3.54
N LYS D 100 23.39 11.92 -4.72
CA LYS D 100 24.64 12.36 -5.34
C LYS D 100 24.53 13.85 -5.61
N GLY D 101 25.68 14.50 -5.63
CA GLY D 101 25.74 15.93 -5.86
C GLY D 101 26.24 16.21 -7.26
N LEU D 102 25.60 15.60 -8.25
CA LEU D 102 25.87 15.90 -9.65
C LEU D 102 25.01 17.08 -10.04
N ARG D 103 25.44 17.76 -11.10
CA ARG D 103 24.67 18.84 -11.70
C ARG D 103 23.79 18.19 -12.79
N ARG D 104 23.05 19.01 -13.54
CA ARG D 104 22.33 18.56 -14.75
C ARG D 104 21.22 17.54 -14.44
N GLY D 105 20.43 17.82 -13.40
CA GLY D 105 19.21 17.06 -13.15
C GLY D 105 19.18 16.32 -11.82
N THR D 106 18.16 15.47 -11.68
CA THR D 106 17.86 14.77 -10.43
C THR D 106 18.76 13.55 -10.23
N ASN D 107 18.97 13.18 -8.98
CA ASN D 107 20.06 12.29 -8.65
C ASN D 107 19.68 10.94 -8.07
N ALA D 108 20.64 10.03 -8.16
CA ALA D 108 20.59 8.75 -7.49
C ALA D 108 20.92 8.94 -6.02
N MET D 109 20.64 7.91 -5.23
CA MET D 109 20.92 7.91 -3.80
C MET D 109 22.14 7.06 -3.53
N ASP D 110 23.28 7.71 -3.33
CA ASP D 110 24.55 6.99 -3.29
C ASP D 110 24.90 6.42 -1.93
N TYR D 111 24.18 6.80 -0.88
CA TYR D 111 24.46 6.22 0.43
C TYR D 111 23.21 6.15 1.29
N TRP D 112 23.10 5.06 2.07
CA TRP D 112 21.90 4.72 2.82
C TRP D 112 22.27 4.35 4.23
N GLY D 113 21.47 4.81 5.20
CA GLY D 113 21.65 4.35 6.58
C GLY D 113 21.18 2.91 6.72
N GLN D 114 21.45 2.30 7.88
CA GLN D 114 21.03 0.92 8.17
C GLN D 114 19.52 0.78 8.29
N GLY D 115 18.86 1.89 8.59
CA GLY D 115 17.41 1.94 8.64
C GLY D 115 16.95 1.87 10.08
N THR D 116 15.78 2.44 10.34
CA THR D 116 15.16 2.41 11.65
C THR D 116 13.75 1.87 11.48
N SER D 117 13.37 0.90 12.33
CA SER D 117 12.11 0.19 12.19
C SER D 117 10.99 0.96 12.89
N VAL D 118 9.83 1.01 12.23
CA VAL D 118 8.65 1.68 12.76
C VAL D 118 7.48 0.73 12.65
N THR D 119 6.90 0.36 13.77
CA THR D 119 5.73 -0.51 13.76
C THR D 119 4.53 0.27 14.24
N VAL D 120 3.46 0.29 13.44
CA VAL D 120 2.19 0.91 13.84
C VAL D 120 1.18 -0.16 14.29
N SER D 121 0.96 -0.25 15.60
CA SER D 121 0.08 -1.26 16.17
C SER D 121 -0.50 -0.88 17.53
N ALA D 122 -1.73 -1.34 17.76
CA ALA D 122 -2.41 -1.16 19.04
C ALA D 122 -1.84 -2.10 20.13
N ALA D 123 -1.07 -3.11 19.72
CA ALA D 123 -0.50 -4.11 20.64
C ALA D 123 0.64 -3.58 21.51
N LYS D 124 0.99 -4.36 22.54
CA LYS D 124 1.96 -3.95 23.55
C LYS D 124 3.31 -4.57 23.26
N THR D 125 4.36 -3.84 23.64
CA THR D 125 5.71 -4.35 23.57
C THR D 125 5.93 -5.50 24.51
N THR D 126 6.54 -6.57 24.00
CA THR D 126 6.87 -7.72 24.83
C THR D 126 8.32 -8.07 24.62
N PRO D 127 9.05 -8.31 25.73
CA PRO D 127 10.44 -8.71 25.60
C PRO D 127 10.52 -10.19 25.28
N PRO D 128 11.63 -10.62 24.66
CA PRO D 128 11.70 -12.03 24.30
C PRO D 128 12.09 -12.88 25.47
N SER D 129 11.75 -14.16 25.38
CA SER D 129 12.36 -15.17 26.25
C SER D 129 13.39 -15.84 25.38
N VAL D 130 14.55 -16.09 25.97
CA VAL D 130 15.67 -16.65 25.24
C VAL D 130 16.06 -17.97 25.86
N TYR D 131 16.14 -19.00 25.03
CA TYR D 131 16.44 -20.33 25.51
C TYR D 131 17.60 -20.93 24.79
N PRO D 132 18.52 -21.55 25.53
CA PRO D 132 19.65 -22.23 24.91
C PRO D 132 19.22 -23.52 24.23
N LEU D 133 19.86 -23.87 23.13
CA LEU D 133 19.62 -25.15 22.45
C LEU D 133 20.90 -25.92 22.40
N ALA D 134 21.02 -26.85 23.32
CA ALA D 134 22.17 -27.75 23.38
C ALA D 134 21.75 -29.08 22.83
N PRO D 135 22.70 -29.82 22.20
CA PRO D 135 22.39 -31.16 21.70
C PRO D 135 21.87 -32.04 22.81
N GLY D 136 20.97 -32.96 22.48
CA GLY D 136 20.42 -33.88 23.47
C GLY D 136 21.51 -34.80 23.97
N SER D 137 21.34 -35.28 25.20
CA SER D 137 22.29 -36.19 25.85
C SER D 137 22.64 -37.44 25.03
N ALA D 138 21.73 -37.86 24.14
CA ALA D 138 21.94 -39.05 23.29
C ALA D 138 22.72 -38.83 21.97
N ALA D 139 23.06 -37.57 21.65
CA ALA D 139 23.57 -37.22 20.31
C ALA D 139 25.01 -37.68 20.04
N GLN D 140 25.36 -37.79 18.75
CA GLN D 140 26.70 -38.22 18.30
C GLN D 140 27.63 -37.01 18.08
N THR D 141 28.81 -37.06 18.71
CA THR D 141 29.82 -36.00 18.55
C THR D 141 30.62 -36.25 17.26
N ASN D 142 30.22 -35.53 16.22
CA ASN D 142 30.94 -35.51 14.95
C ASN D 142 32.12 -34.53 15.10
N SER D 143 32.84 -34.29 14.01
CA SER D 143 33.89 -33.25 14.02
C SER D 143 33.25 -31.89 14.30
N MET D 144 32.11 -31.63 13.65
CA MET D 144 31.37 -30.39 13.86
C MET D 144 30.25 -30.61 14.86
N VAL D 145 29.86 -29.56 15.58
CA VAL D 145 28.69 -29.60 16.47
C VAL D 145 27.84 -28.35 16.29
N THR D 146 26.52 -28.51 16.36
CA THR D 146 25.62 -27.40 16.11
C THR D 146 24.86 -27.02 17.37
N LEU D 147 24.88 -25.74 17.69
CA LEU D 147 24.22 -25.22 18.87
C LEU D 147 23.26 -24.19 18.38
N GLY D 148 22.37 -23.75 19.25
CA GLY D 148 21.45 -22.72 18.81
C GLY D 148 20.83 -21.98 19.95
N CYS D 149 20.08 -20.94 19.64
CA CYS D 149 19.17 -20.40 20.61
C CYS D 149 17.88 -19.93 20.00
N LEU D 150 16.86 -19.98 20.84
CA LEU D 150 15.51 -19.76 20.46
C LEU D 150 15.04 -18.49 21.14
N VAL D 151 14.47 -17.60 20.37
CA VAL D 151 14.10 -16.34 20.87
C VAL D 151 12.63 -16.18 20.61
N LYS D 152 11.87 -16.21 21.70
CA LYS D 152 10.46 -16.50 21.65
C LYS D 152 9.63 -15.44 22.35
N GLY D 153 8.58 -15.01 21.68
CA GLY D 153 7.49 -14.34 22.35
C GLY D 153 7.67 -12.86 22.50
N TYR D 154 8.13 -12.20 21.44
CA TYR D 154 8.44 -10.78 21.52
C TYR D 154 7.71 -9.96 20.50
N PHE D 155 7.69 -8.66 20.75
CA PHE D 155 7.02 -7.73 19.87
C PHE D 155 7.52 -6.32 20.21
N PRO D 156 7.76 -5.49 19.21
CA PRO D 156 7.74 -5.85 17.80
C PRO D 156 9.12 -6.37 17.34
N GLU D 157 9.27 -6.56 16.05
CA GLU D 157 10.58 -6.74 15.44
C GLU D 157 11.31 -5.39 15.49
N PRO D 158 12.65 -5.38 15.47
CA PRO D 158 13.49 -6.58 15.33
C PRO D 158 14.21 -6.95 16.61
N VAL D 159 14.77 -8.16 16.62
CA VAL D 159 15.81 -8.51 17.57
C VAL D 159 17.10 -8.69 16.80
N THR D 160 18.23 -8.60 17.49
CA THR D 160 19.52 -8.84 16.87
C THR D 160 20.16 -9.98 17.65
N VAL D 161 20.79 -10.88 16.91
CA VAL D 161 21.44 -12.03 17.51
C VAL D 161 22.89 -12.07 17.04
N THR D 162 23.78 -12.41 17.96
CA THR D 162 25.18 -12.58 17.66
C THR D 162 25.65 -13.67 18.55
N TRP D 163 26.82 -14.18 18.22
CA TRP D 163 27.40 -15.30 18.94
C TRP D 163 28.80 -14.90 19.43
N ASN D 164 29.05 -15.07 20.73
CA ASN D 164 30.28 -14.60 21.37
C ASN D 164 30.59 -13.14 20.97
N SER D 165 29.58 -12.31 21.15
CA SER D 165 29.62 -10.87 20.84
C SER D 165 30.17 -10.45 19.49
N GLY D 166 30.20 -11.36 18.52
CA GLY D 166 30.70 -11.08 17.19
C GLY D 166 31.88 -11.97 16.85
N SER D 167 32.59 -12.47 17.87
CA SER D 167 33.76 -13.36 17.66
C SER D 167 33.44 -14.57 16.79
N LEU D 168 32.18 -15.03 16.83
CA LEU D 168 31.71 -16.12 16.00
C LEU D 168 30.82 -15.55 14.89
N SER D 169 31.29 -15.57 13.65
CA SER D 169 30.54 -14.97 12.53
C SER D 169 30.16 -15.97 11.44
N SER D 170 31.03 -16.95 11.19
CA SER D 170 30.78 -17.95 10.14
C SER D 170 30.24 -19.26 10.73
N GLY D 171 29.45 -19.96 9.92
CA GLY D 171 28.70 -21.13 10.37
C GLY D 171 27.52 -20.75 11.24
N VAL D 172 26.94 -19.59 10.94
CA VAL D 172 25.83 -19.03 11.70
C VAL D 172 24.66 -18.83 10.76
N HIS D 173 23.50 -19.32 11.15
CA HIS D 173 22.30 -19.03 10.42
C HIS D 173 21.32 -18.50 11.41
N THR D 174 20.73 -17.36 11.09
CA THR D 174 19.74 -16.73 11.92
C THR D 174 18.51 -16.62 11.04
N PHE D 175 17.41 -17.19 11.49
CA PHE D 175 16.26 -17.46 10.64
C PHE D 175 15.26 -16.36 10.80
N PRO D 176 14.54 -16.00 9.72
CA PRO D 176 13.60 -14.91 9.86
C PRO D 176 12.52 -15.21 10.89
N ALA D 177 12.01 -14.14 11.48
CA ALA D 177 11.05 -14.25 12.55
C ALA D 177 9.75 -14.76 11.96
N VAL D 178 9.02 -15.53 12.74
CA VAL D 178 7.71 -16.00 12.35
C VAL D 178 6.72 -15.54 13.44
N LEU D 179 5.58 -15.03 13.00
CA LEU D 179 4.56 -14.50 13.90
C LEU D 179 3.53 -15.57 14.23
N GLN D 180 3.15 -15.66 15.50
CA GLN D 180 2.23 -16.66 15.99
C GLN D 180 1.57 -16.14 17.27
N SER D 181 0.24 -16.09 17.29
CA SER D 181 -0.50 -15.56 18.45
C SER D 181 -0.01 -14.16 18.82
N ASP D 182 0.18 -13.32 17.80
CA ASP D 182 0.52 -11.91 17.97
C ASP D 182 1.93 -11.66 18.50
N LEU D 183 2.80 -12.67 18.39
CA LEU D 183 4.14 -12.61 18.96
C LEU D 183 5.16 -13.28 18.05
N TYR D 184 6.34 -12.67 17.92
CA TYR D 184 7.38 -13.18 17.04
C TYR D 184 8.23 -14.19 17.75
N THR D 185 8.81 -15.06 16.93
CA THR D 185 9.72 -16.11 17.37
C THR D 185 10.77 -16.34 16.30
N LEU D 186 12.02 -16.52 16.70
CA LEU D 186 13.06 -16.88 15.73
C LEU D 186 14.05 -17.75 16.38
N SER D 187 14.98 -18.24 15.58
CA SER D 187 16.01 -19.09 16.10
C SER D 187 17.30 -18.84 15.33
N SER D 188 18.41 -19.22 15.93
CA SER D 188 19.70 -19.06 15.29
C SER D 188 20.47 -20.27 15.63
N SER D 189 21.23 -20.76 14.65
CA SER D 189 22.12 -21.88 14.86
C SER D 189 23.52 -21.40 14.63
N VAL D 190 24.45 -22.10 15.25
CA VAL D 190 25.82 -21.91 14.97
C VAL D 190 26.52 -23.24 15.01
N THR D 191 27.45 -23.43 14.08
CA THR D 191 28.19 -24.66 13.96
C THR D 191 29.66 -24.35 14.23
N VAL D 192 30.25 -25.13 15.13
CA VAL D 192 31.68 -25.03 15.49
C VAL D 192 32.31 -26.43 15.51
N PRO D 193 33.65 -26.50 15.52
CA PRO D 193 34.33 -27.79 15.67
C PRO D 193 34.12 -28.39 17.07
N SER D 194 34.03 -29.71 17.13
CA SER D 194 33.68 -30.41 18.38
C SER D 194 34.67 -30.20 19.53
N SER D 195 35.94 -29.97 19.20
CA SER D 195 36.95 -29.69 20.21
C SER D 195 36.63 -28.42 21.00
N THR D 196 36.26 -27.36 20.27
CA THR D 196 36.10 -26.04 20.85
C THR D 196 34.96 -25.97 21.87
N TRP D 197 34.00 -26.88 21.81
CA TRP D 197 32.88 -26.86 22.74
C TRP D 197 32.56 -28.28 23.20
N PRO D 198 32.31 -28.50 24.49
CA PRO D 198 32.21 -27.48 25.55
C PRO D 198 33.52 -27.08 26.19
N SER D 199 34.62 -27.57 25.64
CA SER D 199 35.92 -27.26 26.19
C SER D 199 36.01 -25.73 26.39
N GLU D 200 35.65 -24.99 25.35
CA GLU D 200 35.53 -23.53 25.40
C GLU D 200 34.06 -23.03 25.41
N THR D 201 33.85 -21.72 25.35
CA THR D 201 32.55 -21.14 25.70
C THR D 201 31.79 -20.50 24.51
N VAL D 202 30.50 -20.80 24.42
CA VAL D 202 29.62 -20.28 23.35
C VAL D 202 28.38 -19.63 23.92
N THR D 203 28.14 -18.38 23.53
CA THR D 203 27.08 -17.62 24.14
C THR D 203 26.33 -16.86 23.06
N CYS D 204 24.99 -16.90 23.07
CA CYS D 204 24.27 -16.05 22.14
C CYS D 204 23.89 -14.76 22.84
N ASN D 205 23.92 -13.67 22.08
CA ASN D 205 23.61 -12.37 22.61
C ASN D 205 22.41 -11.90 21.86
N VAL D 206 21.42 -11.48 22.61
CA VAL D 206 20.17 -11.16 22.04
C VAL D 206 19.77 -9.81 22.57
N ALA D 207 19.39 -8.94 21.65
CA ALA D 207 18.98 -7.60 22.01
C ALA D 207 17.66 -7.27 21.35
N HIS D 208 16.82 -6.55 22.09
CA HIS D 208 15.51 -6.15 21.62
C HIS D 208 15.31 -4.70 22.01
N PRO D 209 15.65 -3.79 21.11
CA PRO D 209 15.63 -2.39 21.46
C PRO D 209 14.31 -1.93 22.04
N ALA D 210 13.20 -2.29 21.39
CA ALA D 210 11.90 -1.72 21.73
C ALA D 210 11.44 -2.04 23.16
N SER D 211 12.01 -3.08 23.78
CA SER D 211 11.78 -3.37 25.19
C SER D 211 13.07 -3.24 26.01
N SER D 212 14.09 -2.57 25.44
CA SER D 212 15.35 -2.36 26.14
C SER D 212 15.88 -3.63 26.77
N THR D 213 15.89 -4.72 26.01
CA THR D 213 16.32 -6.02 26.54
C THR D 213 17.65 -6.37 25.95
N LYS D 214 18.46 -7.05 26.75
CA LYS D 214 19.74 -7.52 26.31
C LYS D 214 20.07 -8.73 27.19
N VAL D 215 20.15 -9.90 26.57
CA VAL D 215 20.39 -11.15 27.29
C VAL D 215 21.58 -11.84 26.66
N ASP D 216 22.36 -12.51 27.51
CA ASP D 216 23.50 -13.29 27.08
C ASP D 216 23.34 -14.69 27.61
N LYS D 217 23.02 -15.62 26.73
CA LYS D 217 22.74 -16.98 27.16
C LYS D 217 23.88 -17.89 26.79
N LYS D 218 24.52 -18.44 27.82
CA LYS D 218 25.61 -19.37 27.67
C LYS D 218 25.03 -20.70 27.31
N ILE D 219 25.60 -21.36 26.30
CA ILE D 219 25.16 -22.71 25.92
C ILE D 219 25.96 -23.75 26.68
N VAL D 220 25.26 -24.49 27.53
CA VAL D 220 25.84 -25.50 28.44
C VAL D 220 25.35 -26.89 28.04
N PRO D 221 26.23 -27.92 28.10
CA PRO D 221 25.73 -29.29 27.85
C PRO D 221 24.81 -29.79 28.98
N ARG D 222 24.18 -30.95 28.78
CA ARG D 222 23.28 -31.55 29.78
C ARG D 222 23.91 -32.79 30.40
#